data_9KXS
#
_entry.id   9KXS
#
_cell.length_a   1.00
_cell.length_b   1.00
_cell.length_c   1.00
_cell.angle_alpha   90.00
_cell.angle_beta   90.00
_cell.angle_gamma   90.00
#
_symmetry.space_group_name_H-M   'P 1'
#
loop_
_entity.id
_entity.type
_entity.pdbx_description
1 polymer 'Muscarinic acetylcholine receptor M4,C5a anaphylatoxin chemotactic receptor 1'
2 polymer 'Guanine nucleotide-binding protein G(o) subunit alpha'
3 polymer 'Guanine nucleotide-binding protein G(I)/G(S)/G(T) subunit beta-1'
4 polymer 'Guanine nucleotide-binding protein G(I)/G(S)/G(O) subunit gamma-2'
5 polymer 'Antibody fragment ScFv16'
6 polymer 'EP67 ligand'
#
loop_
_entity_poly.entity_id
_entity_poly.type
_entity_poly.pdbx_seq_one_letter_code
_entity_poly.pdbx_strand_id
1 'polypeptide(L)'
;MGKTIIALSYIFCLVFADYKDDDDAANFTPVNGSSGNQSVRLVTSSSLEVLFQGPGSDPIDNSSFEINYDHYGTMDPNIP
ADGIHLPKRQPGDVAALIIYSVVFLVGVPGNALVVWVTAFEARRAVNAIWFLNLAVADLLSCLALPVLFTTVLNHNYWYF
DATACIVLPSLILLNMYASILLLATISADRFLLVFKPIWCQKVRGTGLAWMACGVAWVLALLLTIPSFVYREAYKDFYSE
HTVCGINYGGGSFPKEKAVAILRLMVGFVLPLLTLNICYTFLLLRTWSRKATRSTKTLKVVMAVVICFFIFWLPYQVTGV
MIAWLPPSSPTLKRVEKLNSLCVSLAYINCCVNPIIYVMAGQGFHGRLLRSLPSIIRNALSEDSVGRDSKTFTPSTTDTS
TRKSQAV
;
A
2 'polypeptide(L)'
;MGHHHHHHENLYFQGTLSAEERAALERSKAIEKNLKEDGISAAKDVKLLLLGADNSGKSTIVKQMKIIHGGSGGSGGTTG
IVETHFTFKNLHFRLFDVGGQRSERKKWIHCFEDVTAIIFCVDLSDYNRMHESLMLFDSICNNKFFIDTSIILFLNKKDL
FGEKIKKSPLTICFPEYTGPNTYEDAAAYIQAQFESKNRSPNKEIYCHMTCATDTNNAQVIFDAVTDIIIANNLRGCGLY
;
B
3 'polypeptide(L)'
;MHHHHHHGSSGSELDQLRQEAEQLKNQIRDARKACADATLSQITNNIDPVGRIQMRTRRTLRGHLAKIYAMHWGTDSRLL
VSASQDGKLIIWDSYTTNKVHAIPLRSSWVMTCAYAPSGNYVACGGLDNICSIYNLKTREGNVRVSRELAGHTGYLSCCR
FLDDNQIVTSSGDTTCALWDIETGQQTTTFTGHTGDVMSLSLAPDTRLFVSGACDASAKLWDVREGMCRQTFTGHESDIN
AICFFPNGNAFATGSDDATCRLFDLRADQELMTYSHDNIICGITSVSFSKSGRLLLAGYDDFNCNVWDALKADRAGVLAG
HDNRVSCLGVTDDGMAVATGSWDSFLKIWN
;
C
4 'polypeptide(L)' MASNNTASIAQARKLVEQLKMEANIDRIKVSKAAADLMAYCEAHAKEDPLLTPVPASENPFREKKFFCAIL G
5 'polypeptide(L)'
;DVQLVESGGGLVQPGGSRKLSCSASGFAFSSFGMHWVRQAPEKGLEWVAYISSGSGTIYYADTVKGRFTISRDDPKNTLF
LQMTSLRSEDTAMYYCVRSIYYYGSSPFDFWGQGTTLTVSSGGGGSGGGGSGGGGSDIVMTQATSSVPVTPGESVSISCR
SSKSLLHSNGNTYLYWFLQRPGQSPQLLIYRMSNLASGVPDRFSGSGSGTAFTLTISRLEAEDVGVYYCMQHLEYPLTFG
AGTKLELKGSLEVLFQ
;
H
6 'polypeptide(L)' YSFKDMP(MLE)(DAL)R D
#
# COMPACT_ATOMS: atom_id res chain seq x y z
N LYS A 88 -29.14 15.19 53.03
CA LYS A 88 -27.69 15.32 52.91
C LYS A 88 -27.24 16.73 53.31
N ARG A 89 -27.47 17.09 54.56
CA ARG A 89 -27.09 18.39 55.08
C ARG A 89 -25.61 18.49 55.43
N GLN A 90 -24.79 17.53 54.98
CA GLN A 90 -23.36 17.52 55.24
C GLN A 90 -22.62 18.23 54.11
N PRO A 91 -21.63 19.05 54.46
CA PRO A 91 -20.87 19.77 53.41
C PRO A 91 -20.17 18.84 52.43
N GLY A 92 -19.76 17.65 52.86
CA GLY A 92 -19.04 16.76 51.97
C GLY A 92 -19.89 16.25 50.81
N ASP A 93 -21.18 16.01 51.05
CA ASP A 93 -22.03 15.38 50.04
C ASP A 93 -22.19 16.25 48.80
N VAL A 94 -22.45 17.54 48.99
CA VAL A 94 -22.66 18.41 47.84
C VAL A 94 -21.38 18.55 47.02
N ALA A 95 -20.24 18.68 47.69
CA ALA A 95 -18.97 18.74 46.97
C ALA A 95 -18.71 17.46 46.20
N ALA A 96 -19.01 16.30 46.80
CA ALA A 96 -18.83 15.04 46.12
C ALA A 96 -19.72 14.94 44.89
N LEU A 97 -20.98 15.39 45.01
CA LEU A 97 -21.88 15.37 43.86
C LEU A 97 -21.38 16.28 42.74
N ILE A 98 -20.90 17.47 43.10
CA ILE A 98 -20.38 18.40 42.09
C ILE A 98 -19.17 17.81 41.39
N ILE A 99 -18.26 17.20 42.15
CA ILE A 99 -17.09 16.57 41.56
C ILE A 99 -17.49 15.43 40.64
N TYR A 100 -18.47 14.62 41.07
CA TYR A 100 -18.99 13.56 40.22
C TYR A 100 -19.47 14.10 38.88
N SER A 101 -20.31 15.13 38.93
CA SER A 101 -20.87 15.68 37.69
C SER A 101 -19.78 16.23 36.79
N VAL A 102 -18.84 16.99 37.38
CA VAL A 102 -17.78 17.61 36.58
C VAL A 102 -16.92 16.55 35.93
N VAL A 103 -16.54 15.52 36.69
CA VAL A 103 -15.76 14.42 36.15
C VAL A 103 -16.51 13.75 35.00
N PHE A 104 -17.81 13.55 35.17
CA PHE A 104 -18.60 12.90 34.12
C PHE A 104 -18.55 13.71 32.82
N LEU A 105 -18.91 14.99 32.88
CA LEU A 105 -19.05 15.69 31.60
C LEU A 105 -17.70 16.16 31.06
N VAL A 106 -16.63 16.05 31.85
CA VAL A 106 -15.30 16.30 31.31
C VAL A 106 -14.71 15.05 30.68
N GLY A 107 -14.94 13.88 31.29
CA GLY A 107 -14.32 12.65 30.85
C GLY A 107 -15.03 11.92 29.73
N VAL A 108 -16.36 12.10 29.60
CA VAL A 108 -17.08 11.40 28.53
C VAL A 108 -16.58 11.79 27.14
N PRO A 109 -16.51 13.07 26.77
CA PRO A 109 -16.13 13.39 25.38
C PRO A 109 -14.69 13.05 25.05
N GLY A 110 -13.76 13.34 25.96
CA GLY A 110 -12.37 12.99 25.70
C GLY A 110 -12.16 11.50 25.55
N ASN A 111 -12.79 10.71 26.44
CA ASN A 111 -12.68 9.27 26.33
C ASN A 111 -13.27 8.77 25.01
N ALA A 112 -14.43 9.31 24.61
CA ALA A 112 -15.04 8.87 23.36
C ALA A 112 -14.15 9.20 22.16
N LEU A 113 -13.60 10.42 22.13
CA LEU A 113 -12.75 10.82 21.02
C LEU A 113 -11.48 9.97 20.96
N VAL A 114 -10.86 9.73 22.11
CA VAL A 114 -9.64 8.91 22.12
C VAL A 114 -9.96 7.50 21.67
N VAL A 115 -11.08 6.93 22.14
CA VAL A 115 -11.49 5.60 21.72
C VAL A 115 -11.65 5.54 20.21
N TRP A 116 -12.34 6.53 19.63
CA TRP A 116 -12.58 6.53 18.19
C TRP A 116 -11.28 6.61 17.42
N VAL A 117 -10.39 7.52 17.82
CA VAL A 117 -9.14 7.71 17.08
C VAL A 117 -8.27 6.46 17.17
N THR A 118 -8.13 5.89 18.37
CA THR A 118 -7.27 4.73 18.51
C THR A 118 -7.88 3.49 17.88
N ALA A 119 -9.21 3.39 17.83
CA ALA A 119 -9.83 2.28 17.12
C ALA A 119 -9.60 2.41 15.63
N PHE A 120 -9.61 3.64 15.11
CA PHE A 120 -9.26 3.86 13.71
C PHE A 120 -7.81 3.46 13.45
N GLU A 121 -6.90 3.82 14.35
CA GLU A 121 -5.47 3.66 14.12
C GLU A 121 -4.91 2.31 14.57
N ALA A 122 -5.71 1.47 15.22
CA ALA A 122 -5.20 0.21 15.76
C ALA A 122 -4.85 -0.80 14.68
N ARG A 123 -5.21 -0.57 13.43
CA ARG A 123 -4.92 -1.51 12.36
C ARG A 123 -3.54 -1.31 11.75
N ARG A 124 -2.78 -0.32 12.22
CA ARG A 124 -1.47 -0.02 11.63
C ARG A 124 -0.33 -0.05 12.63
N ALA A 125 -0.53 0.46 13.84
CA ALA A 125 0.55 0.64 14.80
C ALA A 125 0.31 -0.19 16.05
N VAL A 126 1.39 -0.72 16.62
CA VAL A 126 1.31 -1.51 17.85
C VAL A 126 1.12 -0.61 19.07
N ASN A 127 1.66 0.60 19.06
CA ASN A 127 1.59 1.51 20.20
C ASN A 127 0.18 2.08 20.44
N ALA A 128 -0.86 1.62 19.76
CA ALA A 128 -2.21 2.15 19.96
C ALA A 128 -3.10 1.23 20.78
N ILE A 129 -2.76 -0.05 20.90
CA ILE A 129 -3.60 -0.99 21.64
C ILE A 129 -3.67 -0.62 23.12
N TRP A 130 -2.53 -0.25 23.71
CA TRP A 130 -2.51 0.09 25.13
C TRP A 130 -3.42 1.29 25.41
N PHE A 131 -3.31 2.33 24.56
CA PHE A 131 -4.16 3.51 24.74
C PHE A 131 -5.61 3.20 24.46
N LEU A 132 -5.90 2.30 23.52
CA LEU A 132 -7.27 1.85 23.30
C LEU A 132 -7.84 1.21 24.57
N ASN A 133 -7.07 0.33 25.19
CA ASN A 133 -7.55 -0.33 26.40
C ASN A 133 -7.76 0.67 27.54
N LEU A 134 -6.81 1.58 27.73
CA LEU A 134 -6.99 2.59 28.77
C LEU A 134 -8.23 3.43 28.50
N ALA A 135 -8.43 3.86 27.26
CA ALA A 135 -9.55 4.73 26.93
C ALA A 135 -10.89 4.00 27.13
N VAL A 136 -10.96 2.73 26.71
CA VAL A 136 -12.23 2.01 26.85
C VAL A 136 -12.52 1.75 28.33
N ALA A 137 -11.49 1.39 29.11
CA ALA A 137 -11.70 1.18 30.54
C ALA A 137 -12.16 2.46 31.23
N ASP A 138 -11.54 3.60 30.88
CA ASP A 138 -11.95 4.87 31.48
C ASP A 138 -13.37 5.25 31.06
N LEU A 139 -13.73 5.01 29.80
CA LEU A 139 -15.09 5.31 29.35
C LEU A 139 -16.11 4.47 30.11
N LEU A 140 -15.84 3.17 30.25
CA LEU A 140 -16.73 2.32 31.03
C LEU A 140 -16.82 2.75 32.48
N SER A 141 -15.70 3.15 33.09
CA SER A 141 -15.74 3.65 34.46
C SER A 141 -16.59 4.91 34.56
N CYS A 142 -16.43 5.83 33.62
CA CYS A 142 -17.08 7.13 33.71
C CYS A 142 -18.57 7.06 33.40
N LEU A 143 -19.00 6.14 32.54
CA LEU A 143 -20.41 6.07 32.17
C LEU A 143 -21.30 5.65 33.34
N ALA A 144 -20.74 5.05 34.39
CA ALA A 144 -21.52 4.57 35.52
C ALA A 144 -21.76 5.64 36.58
N LEU A 145 -21.23 6.85 36.39
CA LEU A 145 -21.38 7.89 37.40
C LEU A 145 -22.82 8.25 37.73
N PRO A 146 -23.75 8.40 36.77
CA PRO A 146 -25.10 8.84 37.15
C PRO A 146 -25.80 7.92 38.14
N VAL A 147 -25.55 6.62 38.08
CA VAL A 147 -26.18 5.70 39.03
C VAL A 147 -25.74 6.04 40.45
N LEU A 148 -24.44 6.22 40.65
CA LEU A 148 -23.93 6.57 41.98
C LEU A 148 -24.42 7.95 42.41
N PHE A 149 -24.49 8.89 41.47
CA PHE A 149 -24.96 10.23 41.80
C PHE A 149 -26.40 10.19 42.31
N THR A 150 -27.27 9.47 41.59
CA THR A 150 -28.67 9.41 42.01
C THR A 150 -28.85 8.53 43.25
N THR A 151 -27.95 7.56 43.46
CA THR A 151 -28.00 6.79 44.69
C THR A 151 -27.63 7.65 45.90
N VAL A 152 -26.66 8.55 45.74
CA VAL A 152 -26.38 9.53 46.77
C VAL A 152 -27.58 10.45 46.95
N LEU A 153 -28.22 10.84 45.85
CA LEU A 153 -29.37 11.74 45.95
C LEU A 153 -30.54 11.09 46.67
N ASN A 154 -30.80 9.81 46.39
CA ASN A 154 -31.95 9.15 46.99
C ASN A 154 -31.69 8.68 48.43
N HIS A 155 -30.63 9.17 49.06
CA HIS A 155 -30.36 8.94 50.48
C HIS A 155 -30.19 7.46 50.79
N ASN A 156 -29.24 6.85 50.09
CA ASN A 156 -28.78 5.49 50.36
C ASN A 156 -29.94 4.48 50.33
N TYR A 157 -30.76 4.59 49.30
CA TYR A 157 -31.87 3.66 49.08
C TYR A 157 -31.71 3.00 47.73
N TRP A 158 -31.88 1.67 47.69
CA TRP A 158 -31.78 0.91 46.45
C TRP A 158 -33.18 0.80 45.86
N TYR A 159 -33.45 1.63 44.85
CA TYR A 159 -34.74 1.66 44.19
C TYR A 159 -34.83 0.70 43.00
N PHE A 160 -33.78 -0.07 42.74
CA PHE A 160 -33.73 -0.95 41.58
C PHE A 160 -34.24 -2.33 41.96
N ASP A 161 -34.10 -3.29 41.05
CA ASP A 161 -34.57 -4.65 41.28
C ASP A 161 -33.53 -5.43 42.09
N ALA A 162 -33.73 -6.73 42.22
CA ALA A 162 -32.81 -7.59 42.95
C ALA A 162 -31.76 -8.22 42.05
N THR A 163 -31.76 -7.93 40.75
CA THR A 163 -30.78 -8.47 39.82
C THR A 163 -29.65 -7.49 39.53
N ALA A 164 -29.95 -6.19 39.44
CA ALA A 164 -28.92 -5.21 39.16
C ALA A 164 -28.02 -4.98 40.37
N CYS A 165 -28.41 -5.50 41.53
CA CYS A 165 -27.62 -5.30 42.75
C CYS A 165 -26.24 -5.94 42.62
N ILE A 166 -26.17 -7.14 42.02
CA ILE A 166 -24.95 -7.92 41.98
C ILE A 166 -24.28 -7.79 40.63
N VAL A 167 -24.57 -6.72 39.88
CA VAL A 167 -24.05 -6.58 38.54
C VAL A 167 -23.14 -5.35 38.44
N LEU A 168 -23.68 -4.19 38.83
CA LEU A 168 -22.93 -2.93 38.64
C LEU A 168 -21.65 -2.87 39.46
N PRO A 169 -21.64 -3.13 40.77
CA PRO A 169 -20.39 -2.97 41.54
C PRO A 169 -19.26 -3.84 41.02
N SER A 170 -19.55 -5.07 40.59
CA SER A 170 -18.50 -5.94 40.06
C SER A 170 -17.87 -5.34 38.81
N LEU A 171 -18.71 -4.80 37.92
CA LEU A 171 -18.19 -4.17 36.71
C LEU A 171 -17.35 -2.95 37.05
N ILE A 172 -17.79 -2.14 38.01
CA ILE A 172 -17.03 -0.95 38.38
C ILE A 172 -15.66 -1.33 38.93
N LEU A 173 -15.63 -2.33 39.83
CA LEU A 173 -14.35 -2.77 40.38
C LEU A 173 -13.45 -3.33 39.28
N LEU A 174 -14.03 -4.11 38.36
CA LEU A 174 -13.24 -4.65 37.26
C LEU A 174 -12.63 -3.54 36.42
N ASN A 175 -13.41 -2.50 36.13
CA ASN A 175 -12.89 -1.38 35.34
C ASN A 175 -11.76 -0.67 36.08
N MET A 176 -11.92 -0.44 37.39
CA MET A 176 -10.87 0.23 38.15
C MET A 176 -9.56 -0.57 38.13
N TYR A 177 -9.63 -1.86 38.45
CA TYR A 177 -8.41 -2.66 38.48
C TYR A 177 -7.81 -2.79 37.10
N ALA A 178 -8.65 -2.89 36.07
CA ALA A 178 -8.14 -2.96 34.70
C ALA A 178 -7.36 -1.70 34.35
N SER A 179 -7.90 -0.52 34.72
CA SER A 179 -7.19 0.72 34.46
C SER A 179 -5.84 0.75 35.15
N ILE A 180 -5.81 0.38 36.43
CA ILE A 180 -4.56 0.44 37.18
C ILE A 180 -3.52 -0.51 36.58
N LEU A 181 -3.93 -1.74 36.30
CA LEU A 181 -3.00 -2.72 35.76
C LEU A 181 -2.53 -2.35 34.36
N LEU A 182 -3.40 -1.74 33.56
CA LEU A 182 -2.99 -1.31 32.23
C LEU A 182 -1.96 -0.19 32.31
N LEU A 183 -2.13 0.74 33.25
CA LEU A 183 -1.10 1.76 33.44
C LEU A 183 0.23 1.13 33.82
N ALA A 184 0.20 0.15 34.73
CA ALA A 184 1.44 -0.52 35.13
C ALA A 184 2.10 -1.21 33.94
N THR A 185 1.31 -1.90 33.13
CA THR A 185 1.88 -2.60 31.97
C THR A 185 2.42 -1.63 30.93
N ILE A 186 1.79 -0.47 30.76
CA ILE A 186 2.32 0.53 29.83
C ILE A 186 3.66 1.05 30.33
N SER A 187 3.78 1.30 31.63
CA SER A 187 5.07 1.73 32.17
C SER A 187 6.14 0.67 31.94
N ALA A 188 5.81 -0.60 32.18
CA ALA A 188 6.77 -1.68 31.94
C ALA A 188 7.15 -1.76 30.47
N ASP A 189 6.18 -1.56 29.58
CA ASP A 189 6.46 -1.59 28.15
C ASP A 189 7.41 -0.47 27.74
N ARG A 190 7.20 0.73 28.26
CA ARG A 190 8.11 1.84 27.96
C ARG A 190 9.52 1.54 28.47
N PHE A 191 9.63 0.99 29.68
CA PHE A 191 10.93 0.58 30.21
C PHE A 191 11.61 -0.40 29.27
N LEU A 192 10.87 -1.43 28.84
CA LEU A 192 11.45 -2.46 27.99
C LEU A 192 11.88 -1.90 26.63
N LEU A 193 11.04 -1.04 26.05
CA LEU A 193 11.38 -0.45 24.76
C LEU A 193 12.64 0.40 24.85
N VAL A 194 12.76 1.19 25.93
CA VAL A 194 13.93 2.05 26.05
C VAL A 194 15.20 1.24 26.28
N PHE A 195 15.15 0.25 27.19
CA PHE A 195 16.40 -0.41 27.54
C PHE A 195 16.84 -1.44 26.50
N LYS A 196 15.91 -2.13 25.86
CA LYS A 196 16.24 -3.22 24.93
C LYS A 196 15.55 -2.98 23.59
N PRO A 197 16.13 -2.15 22.72
CA PRO A 197 15.48 -1.88 21.44
C PRO A 197 15.57 -3.03 20.45
N ILE A 198 16.73 -3.69 20.36
CA ILE A 198 16.91 -4.75 19.38
C ILE A 198 15.97 -5.92 19.65
N TRP A 199 15.95 -6.40 20.90
CA TRP A 199 15.08 -7.50 21.25
C TRP A 199 13.61 -7.12 21.05
N CYS A 200 13.25 -5.90 21.43
CA CYS A 200 11.88 -5.45 21.26
C CYS A 200 11.46 -5.47 19.80
N GLN A 201 12.25 -4.83 18.93
CA GLN A 201 11.89 -4.82 17.51
C GLN A 201 11.93 -6.21 16.91
N LYS A 202 12.72 -7.12 17.49
CA LYS A 202 12.75 -8.51 17.00
C LYS A 202 11.53 -9.31 17.43
N VAL A 203 10.94 -9.01 18.58
CA VAL A 203 9.81 -9.80 19.08
C VAL A 203 8.51 -9.00 19.20
N ARG A 204 8.50 -7.71 18.86
CA ARG A 204 7.29 -6.92 19.05
C ARG A 204 6.22 -7.34 18.06
N GLY A 205 4.97 -7.36 18.53
CA GLY A 205 3.85 -7.72 17.70
C GLY A 205 2.55 -7.47 18.43
N THR A 206 1.46 -7.54 17.66
CA THR A 206 0.14 -7.30 18.25
C THR A 206 -0.27 -8.41 19.21
N GLY A 207 0.16 -9.65 18.93
CA GLY A 207 -0.24 -10.76 19.78
C GLY A 207 0.24 -10.62 21.22
N LEU A 208 1.48 -10.14 21.40
CA LEU A 208 1.99 -9.95 22.75
C LEU A 208 1.21 -8.87 23.49
N ALA A 209 0.88 -7.78 22.80
CA ALA A 209 0.10 -6.72 23.43
C ALA A 209 -1.28 -7.23 23.85
N TRP A 210 -1.93 -7.99 22.96
CA TRP A 210 -3.24 -8.54 23.30
C TRP A 210 -3.15 -9.53 24.45
N MET A 211 -2.09 -10.34 24.49
CA MET A 211 -1.91 -11.27 25.60
C MET A 211 -1.73 -10.53 26.91
N ALA A 212 -0.93 -9.45 26.92
CA ALA A 212 -0.75 -8.67 28.14
C ALA A 212 -2.06 -8.03 28.58
N CYS A 213 -2.83 -7.50 27.64
CA CYS A 213 -4.12 -6.91 27.97
C CYS A 213 -5.06 -7.95 28.56
N GLY A 214 -5.10 -9.14 27.97
CA GLY A 214 -5.94 -10.20 28.50
C GLY A 214 -5.51 -10.63 29.88
N VAL A 215 -4.21 -10.71 30.13
CA VAL A 215 -3.71 -11.06 31.45
C VAL A 215 -4.15 -10.03 32.48
N ALA A 216 -4.01 -8.75 32.14
CA ALA A 216 -4.45 -7.70 33.06
C ALA A 216 -5.94 -7.80 33.34
N TRP A 217 -6.74 -8.00 32.29
CA TRP A 217 -8.20 -8.08 32.48
C TRP A 217 -8.59 -9.27 33.33
N VAL A 218 -7.97 -10.42 33.11
CA VAL A 218 -8.34 -11.61 33.88
C VAL A 218 -7.88 -11.47 35.32
N LEU A 219 -6.74 -10.82 35.57
CA LEU A 219 -6.35 -10.53 36.94
C LEU A 219 -7.35 -9.61 37.63
N ALA A 220 -7.85 -8.60 36.91
CA ALA A 220 -8.87 -7.73 37.47
C ALA A 220 -10.14 -8.51 37.81
N LEU A 221 -10.56 -9.40 36.91
CA LEU A 221 -11.76 -10.20 37.18
C LEU A 221 -11.54 -11.14 38.38
N LEU A 222 -10.35 -11.75 38.47
CA LEU A 222 -10.06 -12.62 39.59
C LEU A 222 -10.09 -11.86 40.91
N LEU A 223 -9.55 -10.64 40.92
CA LEU A 223 -9.64 -9.81 42.11
C LEU A 223 -11.09 -9.42 42.42
N THR A 224 -11.90 -9.25 41.38
CA THR A 224 -13.28 -8.84 41.57
C THR A 224 -14.19 -9.96 42.07
N ILE A 225 -13.85 -11.21 41.79
CA ILE A 225 -14.67 -12.39 42.10
C ILE A 225 -15.33 -12.33 43.48
N PRO A 226 -14.65 -11.91 44.56
CA PRO A 226 -15.37 -11.79 45.84
C PRO A 226 -16.60 -10.90 45.77
N SER A 227 -16.54 -9.81 45.02
CA SER A 227 -17.73 -8.99 44.83
C SER A 227 -18.77 -9.69 43.96
N PHE A 228 -18.32 -10.51 43.01
CA PHE A 228 -19.26 -11.29 42.21
C PHE A 228 -20.05 -12.25 43.07
N VAL A 229 -19.40 -12.88 44.04
CA VAL A 229 -20.01 -13.97 44.80
C VAL A 229 -20.76 -13.43 46.02
N TYR A 230 -20.03 -12.78 46.94
CA TYR A 230 -20.60 -12.47 48.25
C TYR A 230 -21.67 -11.38 48.20
N ARG A 231 -21.83 -10.68 47.07
CA ARG A 231 -22.83 -9.63 46.99
C ARG A 231 -24.23 -10.21 47.15
N GLU A 232 -25.04 -9.54 47.97
CA GLU A 232 -26.44 -9.93 48.17
C GLU A 232 -27.26 -8.65 48.29
N ALA A 233 -28.51 -8.79 48.72
CA ALA A 233 -29.40 -7.65 48.90
C ALA A 233 -30.29 -7.90 50.11
N TYR A 234 -30.84 -6.83 50.65
CA TYR A 234 -31.65 -6.92 51.86
C TYR A 234 -32.72 -5.83 51.83
N LYS A 235 -33.83 -6.09 52.53
CA LYS A 235 -34.95 -5.17 52.59
C LYS A 235 -35.30 -4.88 54.04
N ASP A 236 -35.56 -3.61 54.34
CA ASP A 236 -35.93 -3.20 55.69
C ASP A 236 -37.44 -3.26 55.89
N HIS A 241 -37.82 -0.20 53.09
CA HIS A 241 -36.55 0.30 52.61
C HIS A 241 -35.64 -0.84 52.16
N THR A 242 -34.75 -0.57 51.21
CA THR A 242 -33.85 -1.58 50.67
C THR A 242 -32.42 -1.09 50.83
N VAL A 243 -31.54 -2.00 51.26
CA VAL A 243 -30.13 -1.69 51.48
C VAL A 243 -29.29 -2.58 50.57
N CYS A 244 -28.40 -1.96 49.79
CA CYS A 244 -27.47 -2.69 48.94
C CYS A 244 -26.22 -2.97 49.74
N GLY A 245 -26.04 -4.23 50.15
CA GLY A 245 -24.90 -4.61 50.96
C GLY A 245 -24.28 -5.92 50.52
N ILE A 246 -23.32 -6.42 51.30
CA ILE A 246 -22.61 -7.65 50.99
C ILE A 246 -22.71 -8.58 52.19
N ASN A 247 -22.98 -9.86 51.92
CA ASN A 247 -23.07 -10.88 52.97
C ASN A 247 -21.67 -11.38 53.31
N TYR A 248 -21.23 -11.10 54.54
CA TYR A 248 -19.93 -11.54 55.02
C TYR A 248 -20.03 -12.56 56.14
N GLY A 249 -21.21 -13.11 56.38
CA GLY A 249 -21.40 -14.08 57.44
C GLY A 249 -22.20 -13.56 58.61
N PRO A 254 -12.39 -12.06 59.74
CA PRO A 254 -11.42 -12.84 58.98
C PRO A 254 -11.57 -12.67 57.47
N LYS A 255 -12.76 -12.96 56.93
CA LYS A 255 -12.97 -12.81 55.49
C LYS A 255 -12.86 -11.35 55.05
N GLU A 256 -13.46 -10.43 55.82
CA GLU A 256 -13.38 -9.02 55.47
C GLU A 256 -11.94 -8.52 55.50
N LYS A 257 -11.20 -8.85 56.56
CA LYS A 257 -9.81 -8.42 56.65
C LYS A 257 -8.96 -9.05 55.55
N ALA A 258 -9.22 -10.33 55.24
CA ALA A 258 -8.45 -11.00 54.19
C ALA A 258 -8.68 -10.35 52.84
N VAL A 259 -9.94 -10.06 52.51
CA VAL A 259 -10.23 -9.40 51.25
C VAL A 259 -9.60 -8.01 51.22
N ALA A 260 -9.65 -7.28 52.34
CA ALA A 260 -9.05 -5.96 52.39
C ALA A 260 -7.54 -6.02 52.16
N ILE A 261 -6.87 -6.99 52.79
CA ILE A 261 -5.42 -7.11 52.65
C ILE A 261 -5.04 -7.48 51.21
N LEU A 262 -5.75 -8.44 50.64
CA LEU A 262 -5.47 -8.82 49.25
C LEU A 262 -5.69 -7.64 48.31
N ARG A 263 -6.79 -6.92 48.51
CA ARG A 263 -7.10 -5.75 47.69
C ARG A 263 -5.99 -4.72 47.79
N LEU A 264 -5.63 -4.34 49.02
CA LEU A 264 -4.57 -3.36 49.24
C LEU A 264 -3.29 -3.78 48.54
N MET A 265 -2.82 -5.01 48.80
CA MET A 265 -1.57 -5.46 48.22
C MET A 265 -1.62 -5.40 46.70
N VAL A 266 -2.49 -6.20 46.08
CA VAL A 266 -2.46 -6.38 44.64
C VAL A 266 -3.01 -5.17 43.88
N GLY A 267 -3.54 -4.18 44.57
CA GLY A 267 -4.01 -3.01 43.87
C GLY A 267 -3.12 -1.79 44.07
N PHE A 268 -2.28 -1.79 45.10
CA PHE A 268 -1.46 -0.64 45.38
C PHE A 268 0.04 -0.93 45.33
N VAL A 269 0.48 -1.99 46.02
CA VAL A 269 1.92 -2.15 46.26
C VAL A 269 2.65 -2.42 44.95
N LEU A 270 2.15 -3.38 44.16
CA LEU A 270 2.81 -3.71 42.90
C LEU A 270 2.79 -2.56 41.90
N PRO A 271 1.66 -1.90 41.62
CA PRO A 271 1.71 -0.79 40.66
C PRO A 271 2.65 0.33 41.06
N LEU A 272 2.72 0.67 42.35
CA LEU A 272 3.61 1.75 42.79
C LEU A 272 5.07 1.38 42.53
N LEU A 273 5.46 0.16 42.91
CA LEU A 273 6.83 -0.27 42.71
C LEU A 273 7.18 -0.31 41.23
N THR A 274 6.31 -0.90 40.41
CA THR A 274 6.58 -0.96 38.97
C THR A 274 6.73 0.43 38.38
N LEU A 275 5.75 1.32 38.64
CA LEU A 275 5.80 2.66 38.10
C LEU A 275 7.08 3.36 38.50
N ASN A 276 7.38 3.40 39.80
CA ASN A 276 8.51 4.18 40.28
C ASN A 276 9.82 3.64 39.73
N ILE A 277 10.04 2.32 39.85
CA ILE A 277 11.32 1.75 39.43
C ILE A 277 11.51 1.90 37.92
N CYS A 278 10.48 1.54 37.14
CA CYS A 278 10.62 1.59 35.70
C CYS A 278 10.86 3.02 35.21
N TYR A 279 10.11 3.99 35.74
CA TYR A 279 10.26 5.36 35.25
C TYR A 279 11.58 5.97 35.72
N THR A 280 12.02 5.66 36.94
CA THR A 280 13.32 6.15 37.40
C THR A 280 14.44 5.61 36.53
N PHE A 281 14.41 4.32 36.22
CA PHE A 281 15.45 3.75 35.35
C PHE A 281 15.38 4.35 33.95
N LEU A 282 14.17 4.58 33.44
CA LEU A 282 14.02 5.18 32.11
C LEU A 282 14.66 6.56 32.07
N LEU A 283 14.36 7.40 33.06
CA LEU A 283 14.97 8.73 33.09
C LEU A 283 16.48 8.64 33.25
N LEU A 284 16.95 7.71 34.08
CA LEU A 284 18.39 7.58 34.31
C LEU A 284 19.11 7.24 33.01
N ARG A 285 18.56 6.31 32.22
CA ARG A 285 19.22 5.95 30.97
C ARG A 285 19.06 7.04 29.92
N THR A 286 17.90 7.70 29.89
CA THR A 286 17.67 8.75 28.88
C THR A 286 18.63 9.92 29.08
N TRP A 287 18.86 10.33 30.33
CA TRP A 287 19.72 11.47 30.62
C TRP A 287 21.20 11.09 30.68
N SER A 288 21.59 9.98 30.03
CA SER A 288 22.99 9.58 29.98
C SER A 288 23.67 9.93 28.66
N ARG A 289 22.90 10.06 27.57
CA ARG A 289 23.43 10.37 26.25
C ARG A 289 22.79 11.64 25.72
N LYS A 290 23.61 12.47 25.08
CA LYS A 290 23.11 13.75 24.58
C LYS A 290 22.13 13.57 23.42
N ALA A 291 22.28 12.50 22.65
CA ALA A 291 21.39 12.28 21.52
C ALA A 291 19.96 12.04 21.98
N THR A 292 19.78 11.24 23.03
CA THR A 292 18.46 10.88 23.52
C THR A 292 17.95 11.79 24.64
N ARG A 293 18.77 12.74 25.09
CA ARG A 293 18.39 13.59 26.22
C ARG A 293 17.36 14.63 25.79
N SER A 294 16.30 14.77 26.59
CA SER A 294 15.26 15.76 26.36
C SER A 294 14.70 16.18 27.70
N THR A 295 13.92 17.26 27.68
CA THR A 295 13.38 17.84 28.91
C THR A 295 11.93 17.50 29.19
N LYS A 296 11.14 17.18 28.16
CA LYS A 296 9.72 16.91 28.38
C LYS A 296 9.49 15.55 29.02
N THR A 297 10.43 14.62 28.87
CA THR A 297 10.25 13.28 29.44
C THR A 297 10.14 13.33 30.95
N LEU A 298 11.03 14.09 31.59
CA LEU A 298 10.98 14.22 33.05
C LEU A 298 9.67 14.85 33.49
N LYS A 299 9.22 15.90 32.80
CA LYS A 299 7.97 16.54 33.15
C LYS A 299 6.81 15.56 33.08
N VAL A 300 6.72 14.81 31.97
CA VAL A 300 5.59 13.89 31.79
C VAL A 300 5.62 12.80 32.85
N VAL A 301 6.79 12.20 33.07
CA VAL A 301 6.89 11.08 34.02
C VAL A 301 6.54 11.55 35.42
N MET A 302 7.11 12.68 35.85
CA MET A 302 6.83 13.19 37.19
C MET A 302 5.36 13.53 37.35
N ALA A 303 4.76 14.17 36.35
CA ALA A 303 3.34 14.50 36.44
C ALA A 303 2.50 13.25 36.61
N VAL A 304 2.75 12.22 35.81
CA VAL A 304 1.95 11.00 35.88
C VAL A 304 2.10 10.35 37.25
N VAL A 305 3.33 10.18 37.72
CA VAL A 305 3.56 9.47 38.98
C VAL A 305 2.94 10.24 40.13
N ILE A 306 3.15 11.56 40.17
CA ILE A 306 2.63 12.36 41.28
C ILE A 306 1.11 12.34 41.29
N CYS A 307 0.47 12.51 40.14
CA CYS A 307 -0.99 12.52 40.12
C CYS A 307 -1.55 11.17 40.54
N PHE A 308 -0.97 10.08 40.05
CA PHE A 308 -1.44 8.75 40.44
C PHE A 308 -1.31 8.55 41.94
N PHE A 309 -0.15 8.89 42.51
CA PHE A 309 0.06 8.70 43.94
C PHE A 309 -0.93 9.49 44.76
N ILE A 310 -1.07 10.79 44.47
CA ILE A 310 -1.94 11.64 45.26
C ILE A 310 -3.39 11.17 45.16
N PHE A 311 -3.83 10.81 43.95
CA PHE A 311 -5.23 10.49 43.77
C PHE A 311 -5.59 9.06 44.16
N TRP A 312 -4.61 8.18 44.39
CA TRP A 312 -4.94 6.81 44.75
C TRP A 312 -4.37 6.33 46.08
N LEU A 313 -3.68 7.18 46.85
CA LEU A 313 -3.34 6.73 48.20
C LEU A 313 -4.49 6.83 49.19
N PRO A 314 -5.14 8.00 49.35
CA PRO A 314 -6.11 8.15 50.45
C PRO A 314 -7.27 7.16 50.40
N TYR A 315 -7.80 6.89 49.22
CA TYR A 315 -8.89 5.91 49.13
C TYR A 315 -8.40 4.53 49.52
N GLN A 316 -7.23 4.13 49.04
CA GLN A 316 -6.67 2.83 49.37
C GLN A 316 -6.37 2.68 50.85
N VAL A 317 -6.05 3.76 51.56
CA VAL A 317 -5.78 3.64 52.99
C VAL A 317 -7.05 3.74 53.83
N THR A 318 -8.04 4.52 53.39
CA THR A 318 -9.30 4.55 54.10
C THR A 318 -10.12 3.29 53.86
N GLY A 319 -9.82 2.54 52.80
CA GLY A 319 -10.46 1.24 52.61
C GLY A 319 -9.95 0.19 53.58
N VAL A 320 -8.76 0.40 54.12
CA VAL A 320 -8.23 -0.53 55.12
C VAL A 320 -8.43 -0.03 56.54
N MET A 321 -8.53 1.29 56.74
CA MET A 321 -8.81 1.82 58.08
C MET A 321 -10.12 1.27 58.63
N ILE A 322 -11.12 1.09 57.76
CA ILE A 322 -12.42 0.59 58.18
C ILE A 322 -12.41 -0.91 58.50
N ALA A 323 -11.35 -1.62 58.13
CA ALA A 323 -11.29 -3.06 58.27
C ALA A 323 -10.49 -3.51 59.50
N TRP A 324 -10.10 -2.58 60.37
CA TRP A 324 -9.34 -2.94 61.56
C TRP A 324 -9.78 -2.19 62.81
N LEU A 325 -11.00 -1.68 62.85
CA LEU A 325 -11.43 -0.88 63.98
C LEU A 325 -12.84 -1.27 64.40
N PRO A 326 -13.13 -1.20 65.70
CA PRO A 326 -14.50 -1.46 66.17
C PRO A 326 -15.39 -0.26 65.94
N PRO A 327 -16.71 -0.41 66.06
CA PRO A 327 -17.63 0.70 65.81
C PRO A 327 -17.77 1.68 66.97
N SER A 328 -16.84 1.69 67.92
CA SER A 328 -16.99 2.51 69.12
C SER A 328 -16.52 3.94 68.92
N SER A 329 -15.36 4.14 68.31
CA SER A 329 -14.75 5.45 68.27
C SER A 329 -15.54 6.39 67.36
N PRO A 330 -15.65 7.68 67.72
CA PRO A 330 -16.28 8.65 66.81
C PRO A 330 -15.49 8.85 65.53
N THR A 331 -14.21 8.48 65.51
CA THR A 331 -13.45 8.51 64.26
C THR A 331 -14.10 7.61 63.22
N LEU A 332 -14.86 6.61 63.65
CA LEU A 332 -15.63 5.81 62.70
C LEU A 332 -16.69 6.66 62.00
N LYS A 333 -17.38 7.52 62.74
CA LYS A 333 -18.31 8.46 62.11
C LYS A 333 -17.57 9.44 61.22
N ARG A 334 -16.41 9.91 61.67
CA ARG A 334 -15.63 10.87 60.89
C ARG A 334 -15.17 10.27 59.57
N VAL A 335 -14.85 8.98 59.56
CA VAL A 335 -14.40 8.34 58.32
C VAL A 335 -15.60 7.91 57.49
N GLU A 336 -16.73 7.63 58.12
CA GLU A 336 -17.95 7.31 57.38
C GLU A 336 -18.46 8.51 56.62
N LYS A 337 -18.31 9.71 57.18
CA LYS A 337 -18.74 10.92 56.47
C LYS A 337 -17.76 11.34 55.37
N LEU A 338 -16.81 10.49 55.01
CA LEU A 338 -15.80 10.83 54.00
C LEU A 338 -15.79 9.88 52.80
N ASN A 339 -16.69 8.89 52.77
CA ASN A 339 -16.64 7.88 51.71
C ASN A 339 -16.92 8.49 50.34
N SER A 340 -17.93 9.36 50.25
CA SER A 340 -18.26 9.98 48.98
C SER A 340 -17.11 10.85 48.48
N LEU A 341 -16.50 11.63 49.38
CA LEU A 341 -15.37 12.46 49.00
C LEU A 341 -14.19 11.60 48.55
N CYS A 342 -13.94 10.49 49.24
CA CYS A 342 -12.85 9.60 48.85
C CYS A 342 -13.06 9.03 47.45
N VAL A 343 -14.29 8.57 47.17
CA VAL A 343 -14.58 8.00 45.85
C VAL A 343 -14.47 9.08 44.77
N SER A 344 -14.97 10.29 45.05
CA SER A 344 -14.88 11.37 44.08
C SER A 344 -13.42 11.73 43.79
N LEU A 345 -12.58 11.78 44.82
CA LEU A 345 -11.17 12.07 44.60
C LEU A 345 -10.48 10.93 43.87
N ALA A 346 -10.92 9.69 44.09
CA ALA A 346 -10.35 8.57 43.36
C ALA A 346 -10.70 8.61 41.88
N TYR A 347 -11.88 9.12 41.53
CA TYR A 347 -12.29 9.18 40.13
C TYR A 347 -11.49 10.18 39.29
N ILE A 348 -10.57 10.95 39.86
CA ILE A 348 -9.90 11.99 39.11
C ILE A 348 -8.98 11.42 38.02
N ASN A 349 -8.34 10.28 38.29
CA ASN A 349 -7.41 9.70 37.32
C ASN A 349 -8.09 9.38 35.99
N CYS A 350 -9.37 9.00 36.04
CA CYS A 350 -10.08 8.63 34.82
C CYS A 350 -10.16 9.79 33.83
N CYS A 351 -10.15 11.02 34.32
CA CYS A 351 -10.10 12.18 33.43
C CYS A 351 -8.69 12.71 33.25
N VAL A 352 -7.81 12.47 34.23
CA VAL A 352 -6.43 12.92 34.10
C VAL A 352 -5.74 12.22 32.93
N ASN A 353 -5.95 10.91 32.80
CA ASN A 353 -5.23 10.14 31.78
C ASN A 353 -5.48 10.63 30.36
N PRO A 354 -6.72 10.84 29.88
CA PRO A 354 -6.90 11.31 28.50
C PRO A 354 -6.26 12.65 28.23
N ILE A 355 -6.28 13.56 29.20
CA ILE A 355 -5.65 14.87 29.00
C ILE A 355 -4.15 14.72 28.82
N ILE A 356 -3.52 13.86 29.63
CA ILE A 356 -2.10 13.62 29.50
C ILE A 356 -1.79 13.01 28.14
N TYR A 357 -2.62 12.07 27.70
CA TYR A 357 -2.37 11.44 26.39
C TYR A 357 -2.52 12.45 25.25
N VAL A 358 -3.52 13.32 25.32
CA VAL A 358 -3.78 14.22 24.21
C VAL A 358 -2.81 15.38 24.19
N MET A 359 -2.30 15.81 25.35
CA MET A 359 -1.40 16.95 25.41
C MET A 359 0.07 16.56 25.23
N ALA A 360 0.38 15.27 25.11
CA ALA A 360 1.74 14.83 24.89
C ALA A 360 2.02 14.39 23.46
N GLY A 361 0.99 14.33 22.61
CA GLY A 361 1.16 13.87 21.25
C GLY A 361 1.73 14.94 20.34
N GLN A 362 1.97 14.55 19.09
CA GLN A 362 2.48 15.47 18.08
C GLN A 362 1.36 16.19 17.33
N GLY A 363 0.27 15.48 17.01
CA GLY A 363 -0.85 16.09 16.33
C GLY A 363 -2.17 15.41 16.67
N PHE A 364 -3.15 16.19 17.10
CA PHE A 364 -4.44 15.66 17.54
C PHE A 364 -5.58 16.04 16.60
N HIS A 365 -5.66 17.30 16.16
CA HIS A 365 -6.74 17.71 15.29
C HIS A 365 -6.68 17.00 13.94
N GLY A 366 -5.48 16.79 13.41
CA GLY A 366 -5.36 16.07 12.15
C GLY A 366 -5.87 14.65 12.23
N ARG A 367 -5.57 13.96 13.34
CA ARG A 367 -6.06 12.59 13.52
C ARG A 367 -7.58 12.56 13.60
N LEU A 368 -8.17 13.50 14.34
CA LEU A 368 -9.63 13.55 14.45
C LEU A 368 -10.29 13.85 13.10
N LEU A 369 -9.71 14.80 12.35
CA LEU A 369 -10.28 15.14 11.05
C LEU A 369 -10.14 14.00 10.05
N ARG A 370 -8.99 13.31 10.07
CA ARG A 370 -8.73 12.24 9.12
C ARG A 370 -9.48 10.95 9.43
N SER A 371 -10.06 10.82 10.62
CA SER A 371 -10.79 9.62 10.98
C SER A 371 -12.29 9.80 10.81
N LEU B 17 -24.47 -11.71 -3.37
CA LEU B 17 -24.57 -13.04 -3.97
C LEU B 17 -23.38 -13.29 -4.89
N SER B 18 -22.67 -14.39 -4.65
CA SER B 18 -21.48 -14.74 -5.42
C SER B 18 -21.56 -16.19 -5.86
N ALA B 19 -21.23 -16.45 -7.13
CA ALA B 19 -21.23 -17.80 -7.66
C ALA B 19 -19.85 -18.45 -7.58
N GLU B 20 -18.87 -17.85 -8.26
CA GLU B 20 -17.48 -18.31 -8.18
C GLU B 20 -16.53 -17.18 -7.85
N GLU B 21 -17.05 -16.02 -7.44
CA GLU B 21 -16.21 -14.95 -6.92
C GLU B 21 -15.61 -15.29 -5.56
N ARG B 22 -16.13 -16.33 -4.89
CA ARG B 22 -15.56 -16.74 -3.61
C ARG B 22 -14.13 -17.23 -3.78
N ALA B 23 -13.85 -17.95 -4.86
CA ALA B 23 -12.49 -18.39 -5.12
C ALA B 23 -11.56 -17.20 -5.34
N ALA B 24 -12.05 -16.17 -6.04
CA ALA B 24 -11.27 -14.95 -6.22
C ALA B 24 -11.01 -14.28 -4.88
N LEU B 25 -12.01 -14.24 -3.99
CA LEU B 25 -11.81 -13.65 -2.67
C LEU B 25 -10.77 -14.44 -1.87
N GLU B 26 -10.80 -15.77 -1.96
CA GLU B 26 -9.82 -16.58 -1.26
C GLU B 26 -8.41 -16.31 -1.80
N ARG B 27 -8.27 -16.21 -3.12
CA ARG B 27 -6.97 -15.88 -3.71
C ARG B 27 -6.49 -14.51 -3.23
N SER B 28 -7.39 -13.53 -3.18
CA SER B 28 -7.03 -12.20 -2.71
C SER B 28 -6.56 -12.24 -1.26
N LYS B 29 -7.26 -12.98 -0.41
CA LYS B 29 -6.87 -13.08 0.99
C LYS B 29 -5.50 -13.74 1.15
N ALA B 30 -5.24 -14.80 0.37
CA ALA B 30 -3.94 -15.44 0.45
C ALA B 30 -2.82 -14.50 0.00
N ILE B 31 -3.06 -13.76 -1.08
CA ILE B 31 -2.06 -12.79 -1.54
C ILE B 31 -1.79 -11.73 -0.48
N GLU B 32 -2.86 -11.21 0.14
CA GLU B 32 -2.69 -10.18 1.16
C GLU B 32 -1.92 -10.71 2.37
N LYS B 33 -2.22 -11.94 2.79
CA LYS B 33 -1.50 -12.53 3.92
C LYS B 33 -0.02 -12.70 3.60
N ASN B 34 0.30 -13.18 2.40
CA ASN B 34 1.71 -13.33 2.03
C ASN B 34 2.40 -11.97 1.99
N LEU B 35 1.72 -10.96 1.45
CA LEU B 35 2.30 -9.62 1.40
C LEU B 35 2.59 -9.09 2.80
N LYS B 36 1.63 -9.25 3.72
CA LYS B 36 1.84 -8.77 5.08
C LYS B 36 2.98 -9.51 5.78
N GLU B 37 3.06 -10.83 5.58
CA GLU B 37 4.15 -11.59 6.18
C GLU B 37 5.51 -11.12 5.67
N ASP B 38 5.63 -10.95 4.35
CA ASP B 38 6.90 -10.49 3.78
C ASP B 38 7.24 -9.08 4.26
N GLY B 39 6.23 -8.21 4.35
CA GLY B 39 6.49 -6.85 4.80
C GLY B 39 6.93 -6.78 6.26
N ILE B 40 6.30 -7.57 7.13
CA ILE B 40 6.72 -7.60 8.52
C ILE B 40 8.12 -8.17 8.66
N SER B 41 8.42 -9.26 7.94
CA SER B 41 9.70 -9.91 8.08
C SER B 41 10.86 -9.11 7.49
N ALA B 42 10.59 -8.06 6.74
CA ALA B 42 11.63 -7.30 6.05
C ALA B 42 11.98 -5.99 6.74
N ALA B 43 11.43 -5.72 7.91
CA ALA B 43 11.68 -4.46 8.62
C ALA B 43 12.82 -4.57 9.63
N LYS B 44 13.51 -5.70 9.67
CA LYS B 44 14.60 -5.92 10.62
C LYS B 44 15.94 -5.43 10.10
N ASP B 45 16.00 -4.90 8.88
CA ASP B 45 17.23 -4.42 8.29
C ASP B 45 17.20 -2.91 8.16
N VAL B 46 18.36 -2.27 8.39
CA VAL B 46 18.49 -0.83 8.29
C VAL B 46 19.33 -0.52 7.05
N LYS B 47 19.08 0.66 6.48
CA LYS B 47 19.73 1.08 5.24
C LYS B 47 20.68 2.22 5.52
N LEU B 48 21.83 2.19 4.85
CA LEU B 48 22.85 3.22 4.98
C LEU B 48 23.23 3.76 3.60
N LEU B 49 23.38 5.07 3.50
CA LEU B 49 23.71 5.75 2.25
C LEU B 49 25.15 6.23 2.30
N LEU B 50 25.88 5.99 1.22
CA LEU B 50 27.27 6.42 1.11
C LEU B 50 27.36 7.64 0.19
N LEU B 51 27.95 8.71 0.69
CA LEU B 51 28.11 9.93 -0.10
C LEU B 51 29.57 10.35 -0.15
N GLY B 52 29.84 11.53 -0.69
CA GLY B 52 31.17 12.09 -0.75
C GLY B 52 31.56 12.44 -2.16
N ALA B 53 32.84 12.78 -2.34
CA ALA B 53 33.36 13.14 -3.64
C ALA B 53 33.88 11.90 -4.37
N ASP B 54 34.40 12.11 -5.57
CA ASP B 54 34.97 11.02 -6.34
C ASP B 54 36.31 10.61 -5.75
N ASN B 55 36.55 9.29 -5.71
CA ASN B 55 37.79 8.73 -5.17
C ASN B 55 38.05 9.21 -3.74
N SER B 56 37.01 9.16 -2.92
CA SER B 56 37.11 9.54 -1.52
C SER B 56 37.40 8.37 -0.60
N GLY B 57 37.61 7.18 -1.14
CA GLY B 57 37.85 6.01 -0.32
C GLY B 57 36.61 5.31 0.19
N LYS B 58 35.43 5.66 -0.34
CA LYS B 58 34.21 4.99 0.09
C LYS B 58 34.25 3.50 -0.26
N SER B 59 34.72 3.17 -1.45
CA SER B 59 34.85 1.77 -1.83
C SER B 59 35.87 1.05 -0.96
N THR B 60 36.89 1.77 -0.50
CA THR B 60 37.91 1.17 0.36
C THR B 60 37.30 0.66 1.66
N ILE B 61 36.53 1.52 2.35
CA ILE B 61 35.91 1.09 3.59
C ILE B 61 34.72 0.18 3.35
N VAL B 62 34.14 0.21 2.14
CA VAL B 62 33.09 -0.75 1.80
C VAL B 62 33.68 -2.15 1.67
N LYS B 63 34.85 -2.26 1.05
CA LYS B 63 35.49 -3.56 0.90
C LYS B 63 36.14 -4.03 2.20
N GLN B 64 36.68 -3.11 2.99
CA GLN B 64 37.30 -3.49 4.26
C GLN B 64 36.29 -4.01 5.26
N MET B 65 35.01 -3.76 5.05
CA MET B 65 33.96 -4.31 5.89
C MET B 65 33.47 -5.67 5.42
N LYS B 66 34.10 -6.23 4.39
CA LYS B 66 33.74 -7.55 3.85
C LYS B 66 32.28 -7.60 3.42
N THR B 79 24.77 -0.97 -13.40
CA THR B 79 25.87 -0.05 -13.07
C THR B 79 25.33 1.22 -12.42
N GLY B 80 24.01 1.26 -12.20
CA GLY B 80 23.39 2.42 -11.60
C GLY B 80 23.66 2.54 -10.11
N ILE B 81 23.13 1.61 -9.33
CA ILE B 81 23.27 1.61 -7.88
C ILE B 81 23.78 0.25 -7.44
N VAL B 82 24.77 0.24 -6.56
CA VAL B 82 25.37 -0.98 -6.04
C VAL B 82 25.07 -1.06 -4.55
N GLU B 83 24.50 -2.19 -4.12
CA GLU B 83 24.13 -2.39 -2.72
C GLU B 83 24.93 -3.55 -2.14
N THR B 84 25.15 -3.47 -0.82
CA THR B 84 25.93 -4.47 -0.10
C THR B 84 25.16 -4.87 1.16
N HIS B 85 25.23 -6.16 1.50
CA HIS B 85 24.52 -6.71 2.63
C HIS B 85 25.49 -7.44 3.54
N PHE B 86 25.43 -7.14 4.85
CA PHE B 86 26.22 -7.85 5.84
C PHE B 86 25.55 -7.72 7.19
N THR B 87 25.84 -8.69 8.07
CA THR B 87 25.21 -8.79 9.38
C THR B 87 26.25 -8.60 10.47
N PHE B 88 25.81 -8.05 11.60
CA PHE B 88 26.71 -7.78 12.72
C PHE B 88 25.87 -7.62 13.99
N LYS B 89 26.17 -8.45 14.99
CA LYS B 89 25.47 -8.45 16.27
C LYS B 89 23.95 -8.57 16.08
N ASN B 90 23.56 -9.73 15.55
CA ASN B 90 22.17 -10.10 15.26
C ASN B 90 21.41 -8.95 14.61
N LEU B 91 22.09 -8.28 13.67
CA LEU B 91 21.50 -7.17 12.93
C LEU B 91 22.19 -7.09 11.57
N HIS B 92 21.39 -6.99 10.52
CA HIS B 92 21.90 -6.96 9.15
C HIS B 92 21.80 -5.54 8.59
N PHE B 93 22.91 -5.03 8.09
CA PHE B 93 22.98 -3.69 7.52
C PHE B 93 22.84 -3.74 6.02
N ARG B 94 22.39 -2.62 5.44
CA ARG B 94 22.30 -2.46 3.99
C ARG B 94 23.03 -1.18 3.60
N LEU B 95 24.03 -1.31 2.73
CA LEU B 95 24.79 -0.18 2.22
C LEU B 95 24.41 0.10 0.78
N PHE B 96 24.50 1.37 0.39
CA PHE B 96 24.17 1.81 -0.95
C PHE B 96 25.24 2.77 -1.45
N ASP B 97 25.75 2.52 -2.66
CA ASP B 97 26.70 3.41 -3.30
C ASP B 97 26.04 3.99 -4.55
N VAL B 98 25.98 5.31 -4.62
CA VAL B 98 25.22 5.99 -5.66
C VAL B 98 26.09 6.77 -6.63
N GLY B 99 27.31 7.15 -6.26
CA GLY B 99 28.13 8.01 -7.08
C GLY B 99 28.61 7.42 -8.38
N GLY B 100 28.04 6.29 -8.79
CA GLY B 100 28.38 5.68 -10.05
C GLY B 100 27.66 6.25 -11.26
N GLN B 101 26.70 7.15 -11.04
CA GLN B 101 25.95 7.78 -12.12
C GLN B 101 26.12 9.28 -12.06
N ARG B 102 26.12 9.92 -13.22
CA ARG B 102 26.28 11.37 -13.34
C ARG B 102 24.99 11.94 -13.95
N SER B 103 24.17 12.54 -13.10
CA SER B 103 22.93 13.16 -13.54
C SER B 103 22.61 14.31 -12.59
N GLU B 104 21.36 14.79 -12.65
CA GLU B 104 20.90 15.81 -11.72
C GLU B 104 20.67 15.17 -10.36
N ARG B 105 21.49 15.55 -9.38
CA ARG B 105 21.39 14.94 -8.04
C ARG B 105 20.05 15.29 -7.39
N LYS B 106 19.58 16.53 -7.57
CA LYS B 106 18.32 16.94 -6.98
C LYS B 106 17.12 16.22 -7.59
N LYS B 107 17.30 15.58 -8.75
CA LYS B 107 16.19 14.89 -9.37
C LYS B 107 15.85 13.59 -8.63
N TRP B 108 16.86 12.81 -8.25
CA TRP B 108 16.64 11.53 -7.60
C TRP B 108 16.99 11.54 -6.12
N ILE B 109 17.43 12.67 -5.56
CA ILE B 109 17.85 12.67 -4.16
C ILE B 109 16.70 12.37 -3.22
N HIS B 110 15.45 12.59 -3.64
CA HIS B 110 14.31 12.30 -2.78
C HIS B 110 14.05 10.81 -2.63
N CYS B 111 14.64 9.97 -3.49
CA CYS B 111 14.40 8.54 -3.42
C CYS B 111 15.01 7.91 -2.18
N PHE B 112 15.99 8.56 -1.56
CA PHE B 112 16.69 8.00 -0.41
C PHE B 112 16.24 8.63 0.91
N GLU B 113 15.10 9.29 0.92
CA GLU B 113 14.55 9.83 2.16
C GLU B 113 14.15 8.70 3.09
N ASP B 114 13.99 9.03 4.37
CA ASP B 114 13.65 8.06 5.41
C ASP B 114 14.71 6.98 5.57
N VAL B 115 15.96 7.33 5.33
CA VAL B 115 17.09 6.45 5.57
C VAL B 115 17.61 6.71 6.97
N THR B 116 18.23 5.70 7.58
CA THR B 116 18.65 5.81 8.97
C THR B 116 19.73 6.87 9.16
N ALA B 117 20.80 6.81 8.35
CA ALA B 117 21.92 7.72 8.51
C ALA B 117 22.68 7.78 7.20
N ILE B 118 23.57 8.77 7.11
CA ILE B 118 24.41 8.99 5.93
C ILE B 118 25.87 8.80 6.35
N ILE B 119 26.59 7.98 5.61
CA ILE B 119 28.00 7.72 5.91
C ILE B 119 28.82 8.50 4.90
N PHE B 120 29.22 9.71 5.29
CA PHE B 120 30.05 10.55 4.45
C PHE B 120 31.48 10.01 4.44
N CYS B 121 32.29 10.53 3.52
CA CYS B 121 33.70 10.18 3.47
C CYS B 121 34.50 11.39 3.01
N VAL B 122 35.68 11.58 3.60
CA VAL B 122 36.57 12.69 3.28
C VAL B 122 37.99 12.14 3.19
N ASP B 123 38.72 12.54 2.15
CA ASP B 123 40.12 12.19 1.99
C ASP B 123 40.98 13.41 2.31
N LEU B 124 41.93 13.23 3.22
CA LEU B 124 42.80 14.33 3.65
C LEU B 124 44.09 14.37 2.81
N SER B 125 43.90 14.47 1.49
CA SER B 125 45.01 14.51 0.56
C SER B 125 44.89 15.59 -0.51
N ASP B 126 43.72 16.18 -0.69
CA ASP B 126 43.53 17.21 -1.71
C ASP B 126 44.29 18.48 -1.35
N HIS B 131 38.20 21.56 -1.41
CA HIS B 131 37.10 22.52 -1.34
C HIS B 131 35.83 21.97 -1.98
N GLU B 132 35.99 20.99 -2.87
CA GLU B 132 34.83 20.33 -3.45
C GLU B 132 34.06 19.56 -2.38
N SER B 133 34.78 18.83 -1.51
CA SER B 133 34.13 18.08 -0.45
C SER B 133 33.40 18.99 0.51
N LEU B 134 34.01 20.13 0.86
CA LEU B 134 33.36 21.06 1.78
C LEU B 134 32.08 21.63 1.17
N MET B 135 32.11 21.98 -0.12
CA MET B 135 30.92 22.49 -0.78
C MET B 135 29.83 21.42 -0.83
N LEU B 136 30.20 20.18 -1.14
CA LEU B 136 29.21 19.11 -1.17
C LEU B 136 28.59 18.88 0.20
N PHE B 137 29.41 18.90 1.26
CA PHE B 137 28.89 18.72 2.61
C PHE B 137 27.97 19.86 3.00
N ASP B 138 28.34 21.09 2.66
CA ASP B 138 27.48 22.23 2.95
C ASP B 138 26.16 22.13 2.21
N SER B 139 26.18 21.63 0.97
CA SER B 139 24.94 21.47 0.21
C SER B 139 24.05 20.40 0.84
N ILE B 140 24.62 19.24 1.16
CA ILE B 140 23.81 18.12 1.63
C ILE B 140 23.30 18.36 3.04
N CYS B 141 24.09 19.04 3.87
CA CYS B 141 23.72 19.19 5.28
C CYS B 141 22.45 20.01 5.45
N ASN B 142 22.26 21.05 4.63
CA ASN B 142 21.15 21.96 4.77
C ASN B 142 19.99 21.62 3.86
N ASN B 143 19.95 20.42 3.29
CA ASN B 143 18.86 20.03 2.42
C ASN B 143 17.56 19.87 3.22
N LYS B 144 16.45 20.22 2.57
CA LYS B 144 15.15 20.19 3.25
C LYS B 144 14.77 18.78 3.66
N PHE B 145 15.02 17.80 2.79
CA PHE B 145 14.60 16.43 3.09
C PHE B 145 15.45 15.81 4.20
N PHE B 146 16.73 16.17 4.29
CA PHE B 146 17.64 15.57 5.25
C PHE B 146 17.91 16.49 6.44
N ILE B 147 16.90 17.24 6.87
CA ILE B 147 17.08 18.20 7.95
C ILE B 147 17.18 17.55 9.33
N ASP B 148 16.85 16.27 9.44
CA ASP B 148 16.91 15.57 10.72
C ASP B 148 17.76 14.31 10.72
N THR B 149 18.15 13.80 9.56
CA THR B 149 18.94 12.57 9.51
C THR B 149 20.36 12.82 10.02
N SER B 150 20.84 11.94 10.88
CA SER B 150 22.18 12.06 11.43
C SER B 150 23.22 11.76 10.36
N ILE B 151 24.44 12.26 10.58
CA ILE B 151 25.54 12.15 9.62
C ILE B 151 26.74 11.56 10.34
N ILE B 152 27.37 10.56 9.72
CA ILE B 152 28.58 9.94 10.24
C ILE B 152 29.71 10.27 9.29
N LEU B 153 30.75 10.92 9.80
CA LEU B 153 31.82 11.46 8.97
C LEU B 153 33.11 10.68 9.24
N PHE B 154 33.75 10.21 8.17
CA PHE B 154 34.90 9.32 8.25
C PHE B 154 36.10 10.01 7.60
N LEU B 155 36.94 10.67 8.40
CA LEU B 155 38.21 11.17 7.91
C LEU B 155 39.14 10.00 7.63
N ASN B 156 39.74 9.99 6.45
CA ASN B 156 40.45 8.82 5.96
C ASN B 156 41.90 9.18 5.65
N LYS B 157 42.72 8.12 5.55
CA LYS B 157 44.13 8.24 5.16
C LYS B 157 44.90 9.14 6.13
N LYS B 158 44.99 8.68 7.38
CA LYS B 158 45.62 9.47 8.42
C LYS B 158 47.15 9.48 8.27
N ASP B 159 47.74 8.33 7.93
CA ASP B 159 49.19 8.22 7.96
C ASP B 159 49.84 9.10 6.90
N LEU B 160 49.39 9.01 5.65
CA LEU B 160 50.02 9.81 4.61
C LEU B 160 49.67 11.29 4.76
N PHE B 161 48.49 11.61 5.28
CA PHE B 161 48.17 13.00 5.56
C PHE B 161 49.12 13.57 6.61
N GLY B 162 49.39 12.82 7.67
CA GLY B 162 50.34 13.27 8.67
C GLY B 162 51.75 13.41 8.12
N GLU B 163 52.16 12.45 7.28
CA GLU B 163 53.49 12.55 6.67
C GLU B 163 53.60 13.76 5.77
N LYS B 164 52.57 14.04 4.97
CA LYS B 164 52.58 15.22 4.12
C LYS B 164 52.61 16.50 4.94
N ILE B 165 51.84 16.53 6.04
CA ILE B 165 51.83 17.72 6.89
C ILE B 165 53.22 17.95 7.49
N LYS B 166 53.85 16.89 7.99
CA LYS B 166 55.19 17.02 8.54
C LYS B 166 56.22 17.33 7.46
N LYS B 167 55.93 17.03 6.19
CA LYS B 167 56.83 17.32 5.09
C LYS B 167 56.53 18.64 4.39
N SER B 168 55.25 19.01 4.29
CA SER B 168 54.85 20.26 3.67
C SER B 168 53.71 20.87 4.47
N PRO B 169 53.61 22.20 4.51
CA PRO B 169 52.52 22.84 5.26
C PRO B 169 51.20 22.79 4.50
N LEU B 170 50.12 23.04 5.24
CA LEU B 170 48.78 23.04 4.71
C LEU B 170 48.34 24.42 4.23
N THR B 171 49.25 25.40 4.24
CA THR B 171 48.89 26.77 3.87
C THR B 171 48.34 26.86 2.45
N ILE B 172 48.74 25.95 1.56
CA ILE B 172 48.27 26.02 0.18
C ILE B 172 46.75 25.82 0.11
N CYS B 173 46.20 24.93 0.93
CA CYS B 173 44.77 24.71 0.94
C CYS B 173 44.04 25.74 1.80
N PHE B 174 44.58 26.04 2.98
CA PHE B 174 43.97 26.98 3.92
C PHE B 174 44.99 28.03 4.30
N PRO B 175 45.17 29.06 3.48
CA PRO B 175 46.12 30.13 3.84
C PRO B 175 45.76 30.86 5.12
N GLU B 176 44.49 30.86 5.51
CA GLU B 176 44.07 31.58 6.71
C GLU B 176 44.39 30.85 8.00
N TYR B 177 44.75 29.57 7.94
CA TYR B 177 45.06 28.82 9.14
C TYR B 177 46.40 29.24 9.73
N THR B 178 46.58 28.93 11.01
CA THR B 178 47.84 29.19 11.70
C THR B 178 48.04 28.14 12.78
N GLY B 179 49.29 28.00 13.21
CA GLY B 179 49.65 27.03 14.21
C GLY B 179 50.88 26.24 13.83
N PRO B 180 51.26 25.28 14.68
CA PRO B 180 52.45 24.48 14.39
C PRO B 180 52.22 23.54 13.22
N ASN B 181 53.30 22.86 12.83
CA ASN B 181 53.27 21.87 11.76
C ASN B 181 53.21 20.44 12.29
N THR B 182 52.51 20.24 13.41
CA THR B 182 52.38 18.91 13.99
C THR B 182 51.15 18.22 13.39
N TYR B 183 50.76 17.10 13.98
CA TYR B 183 49.68 16.27 13.43
C TYR B 183 48.32 16.59 14.04
N GLU B 184 48.24 16.62 15.37
CA GLU B 184 46.94 16.74 16.03
C GLU B 184 46.28 18.08 15.72
N ASP B 185 47.06 19.16 15.70
CA ASP B 185 46.50 20.49 15.49
C ASP B 185 45.84 20.63 14.13
N ALA B 186 46.49 20.12 13.08
CA ALA B 186 45.91 20.19 11.74
C ALA B 186 44.61 19.41 11.65
N ALA B 187 44.59 18.20 12.22
CA ALA B 187 43.38 17.40 12.20
C ALA B 187 42.25 18.09 12.95
N ALA B 188 42.56 18.69 14.10
CA ALA B 188 41.54 19.41 14.85
C ALA B 188 41.01 20.60 14.06
N TYR B 189 41.91 21.32 13.38
CA TYR B 189 41.48 22.48 12.58
C TYR B 189 40.56 22.04 11.44
N ILE B 190 40.91 20.97 10.74
CA ILE B 190 40.08 20.50 9.65
C ILE B 190 38.73 20.01 10.17
N GLN B 191 38.74 19.33 11.32
CA GLN B 191 37.49 18.87 11.90
C GLN B 191 36.60 20.05 12.29
N ALA B 192 37.17 21.10 12.85
CA ALA B 192 36.39 22.28 13.18
C ALA B 192 35.81 22.93 11.92
N GLN B 193 36.61 23.00 10.85
CA GLN B 193 36.12 23.58 9.62
C GLN B 193 34.95 22.79 9.05
N PHE B 194 35.04 21.46 9.08
CA PHE B 194 33.92 20.63 8.60
C PHE B 194 32.72 20.72 9.53
N GLU B 195 32.96 20.84 10.83
CA GLU B 195 31.86 20.89 11.80
C GLU B 195 31.10 22.21 11.70
N SER B 196 31.79 23.29 11.38
CA SER B 196 31.14 24.61 11.32
C SER B 196 30.26 24.80 10.09
N LYS B 197 29.96 23.77 9.30
CA LYS B 197 29.20 23.94 8.07
C LYS B 197 27.73 23.56 8.23
N ASN B 198 27.25 23.41 9.45
CA ASN B 198 25.85 23.08 9.70
C ASN B 198 25.15 24.27 10.35
N ARG B 199 23.81 24.25 10.29
CA ARG B 199 23.01 25.33 10.82
C ARG B 199 21.87 24.88 11.73
N SER B 200 21.43 23.61 11.65
CA SER B 200 20.31 23.15 12.45
C SER B 200 20.82 22.45 13.70
N PRO B 201 20.52 22.96 14.89
CA PRO B 201 20.99 22.29 16.12
C PRO B 201 20.42 20.89 16.32
N ASN B 202 19.30 20.56 15.68
CA ASN B 202 18.68 19.26 15.88
C ASN B 202 19.58 18.14 15.38
N LYS B 203 20.22 18.32 14.23
CA LYS B 203 21.09 17.29 13.68
C LYS B 203 22.33 17.12 14.53
N GLU B 204 22.76 15.88 14.69
CA GLU B 204 23.96 15.54 15.44
C GLU B 204 24.97 14.90 14.50
N ILE B 205 26.22 15.35 14.58
CA ILE B 205 27.28 14.92 13.67
C ILE B 205 28.27 14.10 14.47
N TYR B 206 28.56 12.90 13.98
CA TYR B 206 29.51 11.99 14.61
C TYR B 206 30.79 11.97 13.80
N CYS B 207 31.92 12.22 14.44
CA CYS B 207 33.21 12.30 13.77
C CYS B 207 34.15 11.24 14.33
N HIS B 208 34.74 10.46 13.43
CA HIS B 208 35.74 9.47 13.80
C HIS B 208 36.75 9.36 12.66
N MET B 209 37.94 8.89 13.00
CA MET B 209 39.01 8.69 12.03
C MET B 209 39.13 7.21 11.70
N THR B 210 39.95 6.91 10.70
CA THR B 210 40.12 5.53 10.24
C THR B 210 41.53 5.37 9.70
N CYS B 211 41.75 4.28 8.96
CA CYS B 211 43.04 3.97 8.34
C CYS B 211 44.18 3.96 9.35
N ASP B 214 41.60 -0.55 11.47
CA ASP B 214 41.68 -1.87 12.11
C ASP B 214 40.32 -2.56 12.11
N THR B 215 39.51 -2.25 11.09
CA THR B 215 38.19 -2.85 10.91
C THR B 215 37.32 -2.64 12.15
N ASN B 216 37.42 -1.47 12.76
CA ASN B 216 36.63 -1.12 13.93
C ASN B 216 35.44 -0.24 13.58
N ASN B 217 35.21 0.05 12.30
CA ASN B 217 34.14 0.96 11.91
C ASN B 217 32.77 0.37 12.19
N ALA B 218 32.68 -0.97 12.23
CA ALA B 218 31.41 -1.61 12.52
C ALA B 218 30.91 -1.24 13.90
N GLN B 219 31.79 -1.18 14.89
CA GLN B 219 31.39 -0.81 16.24
C GLN B 219 30.85 0.62 16.28
N VAL B 220 31.52 1.54 15.58
CA VAL B 220 31.08 2.93 15.57
C VAL B 220 29.71 3.06 14.90
N ILE B 221 29.54 2.38 13.76
CA ILE B 221 28.25 2.41 13.08
C ILE B 221 27.16 1.82 13.96
N PHE B 222 27.47 0.72 14.65
CA PHE B 222 26.49 0.09 15.53
C PHE B 222 26.10 1.03 16.67
N ASP B 223 27.08 1.71 17.27
CA ASP B 223 26.77 2.64 18.35
C ASP B 223 25.86 3.76 17.86
N ALA B 224 26.19 4.33 16.70
CA ALA B 224 25.37 5.42 16.16
C ALA B 224 23.96 4.94 15.85
N VAL B 225 23.81 3.76 15.24
CA VAL B 225 22.48 3.30 14.88
C VAL B 225 21.69 2.91 16.13
N THR B 226 22.34 2.39 17.16
CA THR B 226 21.63 2.12 18.40
C THR B 226 21.12 3.39 19.05
N ASP B 227 21.94 4.45 19.06
CA ASP B 227 21.47 5.72 19.60
C ASP B 227 20.29 6.25 18.78
N ILE B 228 20.38 6.16 17.46
CA ILE B 228 19.30 6.64 16.60
C ILE B 228 18.02 5.83 16.84
N ILE B 229 18.15 4.52 16.98
CA ILE B 229 16.98 3.66 17.19
C ILE B 229 16.34 3.94 18.55
N ILE B 230 17.15 4.13 19.59
CA ILE B 230 16.59 4.47 20.90
C ILE B 230 15.87 5.79 20.84
N ALA B 231 16.45 6.79 20.17
CA ALA B 231 15.79 8.08 20.04
C ALA B 231 14.46 7.95 19.28
N ASN B 232 14.46 7.18 18.19
CA ASN B 232 13.23 7.00 17.43
C ASN B 232 12.16 6.27 18.24
N ASN B 233 12.55 5.26 19.01
CA ASN B 233 11.61 4.55 19.86
C ASN B 233 11.02 5.47 20.92
N LEU B 234 11.86 6.31 21.53
CA LEU B 234 11.36 7.25 22.52
C LEU B 234 10.41 8.26 21.89
N ARG B 235 10.72 8.70 20.67
CA ARG B 235 9.85 9.66 19.99
C ARG B 235 8.51 9.04 19.62
N GLY B 236 8.53 7.77 19.20
CA GLY B 236 7.29 7.13 18.76
C GLY B 236 6.28 6.98 19.88
N CYS B 237 6.75 6.67 21.09
CA CYS B 237 5.86 6.50 22.22
C CYS B 237 5.20 7.80 22.68
N GLY B 238 5.63 8.94 22.15
CA GLY B 238 5.11 10.21 22.57
C GLY B 238 5.81 10.81 23.78
N LEU B 239 6.80 10.12 24.34
CA LEU B 239 7.57 10.64 25.46
C LEU B 239 8.60 11.66 25.03
N TYR B 240 9.20 11.50 23.86
CA TYR B 240 10.21 12.44 23.36
C TYR B 240 9.60 13.37 22.33
N GLU C 13 35.58 30.58 -38.28
CA GLU C 13 34.26 30.87 -38.84
C GLU C 13 33.16 30.66 -37.79
N LEU C 14 33.58 30.45 -36.55
CA LEU C 14 32.61 30.22 -35.48
C LEU C 14 31.74 31.45 -35.23
N ASP C 15 32.35 32.63 -35.26
CA ASP C 15 31.58 33.85 -35.06
C ASP C 15 30.57 34.08 -36.19
N GLN C 16 30.97 33.77 -37.43
CA GLN C 16 30.07 33.95 -38.56
C GLN C 16 28.84 33.06 -38.43
N LEU C 17 29.05 31.78 -38.11
CA LEU C 17 27.92 30.88 -37.96
C LEU C 17 27.09 31.22 -36.72
N ARG C 18 27.72 31.73 -35.66
CA ARG C 18 26.95 32.17 -34.50
C ARG C 18 26.05 33.34 -34.85
N GLN C 19 26.56 34.30 -35.62
CA GLN C 19 25.75 35.42 -36.07
C GLN C 19 24.62 34.95 -36.98
N GLU C 20 24.91 33.97 -37.85
CA GLU C 20 23.88 33.41 -38.72
C GLU C 20 22.79 32.73 -37.90
N ALA C 21 23.18 32.00 -36.86
CA ALA C 21 22.21 31.35 -36.00
C ALA C 21 21.35 32.37 -35.26
N GLU C 22 21.96 33.46 -34.79
CA GLU C 22 21.18 34.53 -34.16
C GLU C 22 20.21 35.15 -35.15
N GLN C 23 20.65 35.36 -36.39
CA GLN C 23 19.75 35.90 -37.41
C GLN C 23 18.58 34.95 -37.69
N LEU C 24 18.87 33.64 -37.75
CA LEU C 24 17.80 32.67 -37.97
C LEU C 24 16.81 32.66 -36.81
N LYS C 25 17.33 32.76 -35.58
CA LYS C 25 16.44 32.84 -34.41
C LYS C 25 15.56 34.08 -34.48
N ASN C 26 16.15 35.22 -34.86
CA ASN C 26 15.36 36.44 -35.00
C ASN C 26 14.31 36.28 -36.09
N GLN C 27 14.66 35.62 -37.19
CA GLN C 27 13.72 35.42 -38.29
C GLN C 27 12.55 34.56 -37.85
N ILE C 28 12.82 33.47 -37.13
CA ILE C 28 11.72 32.60 -36.71
C ILE C 28 10.86 33.29 -35.66
N ARG C 29 11.47 34.08 -34.76
CA ARG C 29 10.67 34.82 -33.80
C ARG C 29 9.78 35.85 -34.52
N ASP C 30 10.31 36.51 -35.53
CA ASP C 30 9.50 37.45 -36.30
C ASP C 30 8.36 36.75 -37.02
N ALA C 31 8.63 35.55 -37.56
CA ALA C 31 7.56 34.78 -38.21
C ALA C 31 6.46 34.43 -37.22
N ARG C 32 6.84 33.95 -36.03
CA ARG C 32 5.85 33.62 -35.02
C ARG C 32 5.06 34.85 -34.59
N LYS C 33 5.73 35.99 -34.43
CA LYS C 33 5.04 37.22 -34.06
C LYS C 33 4.07 37.65 -35.15
N ALA C 34 4.47 37.53 -36.41
CA ALA C 34 3.60 37.89 -37.52
C ALA C 34 2.36 36.99 -37.56
N CYS C 35 2.55 35.68 -37.37
CA CYS C 35 1.43 34.76 -37.37
C CYS C 35 0.58 34.86 -36.11
N ALA C 36 1.04 35.58 -35.10
CA ALA C 36 0.29 35.72 -33.85
C ALA C 36 -0.71 36.86 -34.01
N ASP C 37 -1.95 36.52 -34.39
CA ASP C 37 -2.97 37.52 -34.67
C ASP C 37 -3.72 37.95 -33.42
N ALA C 38 -4.20 36.99 -32.63
CA ALA C 38 -4.98 37.30 -31.44
C ALA C 38 -4.78 36.20 -30.41
N THR C 39 -5.11 36.52 -29.16
CA THR C 39 -4.97 35.57 -28.06
C THR C 39 -6.23 34.71 -27.97
N LEU C 40 -6.34 33.93 -26.89
CA LEU C 40 -7.47 33.03 -26.72
C LEU C 40 -8.58 33.64 -25.87
N SER C 41 -8.27 34.65 -25.06
CA SER C 41 -9.27 35.22 -24.16
C SER C 41 -10.41 35.87 -24.93
N GLN C 42 -10.09 36.61 -26.00
CA GLN C 42 -11.15 37.28 -26.76
C GLN C 42 -12.10 36.28 -27.39
N ILE C 43 -11.56 35.19 -27.94
CA ILE C 43 -12.41 34.17 -28.55
C ILE C 43 -13.23 33.45 -27.50
N THR C 44 -12.64 33.21 -26.33
CA THR C 44 -13.31 32.44 -25.27
C THR C 44 -14.18 33.30 -24.36
N ASN C 45 -14.29 34.61 -24.61
CA ASN C 45 -15.10 35.46 -23.74
C ASN C 45 -16.55 35.01 -23.69
N ASN C 46 -17.09 34.51 -24.81
CA ASN C 46 -18.49 34.14 -24.88
C ASN C 46 -18.76 32.71 -24.42
N ILE C 47 -17.72 31.98 -24.02
CA ILE C 47 -17.89 30.59 -23.59
C ILE C 47 -18.58 30.56 -22.23
N ASP C 48 -19.61 29.75 -22.11
CA ASP C 48 -20.31 29.61 -20.84
C ASP C 48 -19.39 28.95 -19.82
N PRO C 49 -19.19 29.55 -18.65
CA PRO C 49 -18.36 28.92 -17.63
C PRO C 49 -18.91 27.55 -17.21
N VAL C 50 -17.99 26.61 -16.96
CA VAL C 50 -18.40 25.25 -16.61
C VAL C 50 -19.08 25.23 -15.25
N GLY C 51 -18.63 26.05 -14.31
CA GLY C 51 -19.17 26.07 -12.97
C GLY C 51 -18.41 25.16 -12.02
N ARG C 52 -18.63 25.40 -10.73
CA ARG C 52 -17.94 24.62 -9.71
C ARG C 52 -18.39 23.17 -9.72
N ILE C 53 -17.43 22.26 -9.55
CA ILE C 53 -17.70 20.83 -9.50
C ILE C 53 -17.17 20.28 -8.18
N GLN C 54 -17.75 19.15 -7.78
CA GLN C 54 -17.33 18.49 -6.54
C GLN C 54 -17.32 16.99 -6.77
N MET C 55 -16.27 16.34 -6.30
CA MET C 55 -16.10 14.90 -6.44
C MET C 55 -15.89 14.26 -5.07
N ARG C 56 -16.46 13.08 -4.90
CA ARG C 56 -16.36 12.34 -3.65
C ARG C 56 -15.72 10.99 -3.90
N THR C 57 -14.85 10.57 -2.98
CA THR C 57 -14.16 9.30 -3.12
C THR C 57 -15.16 8.15 -3.19
N ARG C 58 -14.94 7.24 -4.15
CA ARG C 58 -15.80 6.08 -4.31
C ARG C 58 -15.12 4.77 -3.92
N ARG C 59 -13.80 4.74 -3.81
CA ARG C 59 -13.08 3.55 -3.40
C ARG C 59 -11.72 3.95 -2.89
N THR C 60 -11.06 3.01 -2.21
CA THR C 60 -9.72 3.24 -1.68
C THR C 60 -9.01 1.89 -1.58
N LEU C 61 -7.80 1.83 -2.13
CA LEU C 61 -7.02 0.60 -2.16
C LEU C 61 -5.93 0.67 -1.08
N ARG C 62 -5.82 -0.38 -0.28
CA ARG C 62 -4.91 -0.42 0.87
C ARG C 62 -4.10 -1.72 0.80
N GLY C 63 -2.99 -1.70 0.07
CA GLY C 63 -2.15 -2.87 0.01
C GLY C 63 -0.66 -2.58 -0.09
N HIS C 64 -0.27 -1.32 0.00
CA HIS C 64 1.11 -0.92 -0.16
C HIS C 64 1.68 -0.44 1.18
N LEU C 65 2.97 -0.70 1.38
CA LEU C 65 3.64 -0.38 2.63
C LEU C 65 4.73 0.69 2.49
N ALA C 66 4.82 1.35 1.34
CA ALA C 66 5.85 2.34 1.10
C ALA C 66 5.29 3.44 0.22
N LYS C 67 6.17 4.28 -0.33
CA LYS C 67 5.75 5.33 -1.24
C LYS C 67 5.37 4.76 -2.60
N ILE C 68 4.45 5.45 -3.27
CA ILE C 68 3.95 5.06 -4.58
C ILE C 68 4.44 6.06 -5.61
N TYR C 69 5.05 5.57 -6.68
CA TYR C 69 5.70 6.42 -7.67
C TYR C 69 5.00 6.47 -9.01
N ALA C 70 4.37 5.39 -9.47
CA ALA C 70 3.77 5.39 -10.80
C ALA C 70 2.59 4.44 -10.84
N MET C 71 1.73 4.64 -11.84
CA MET C 71 0.59 3.77 -12.08
C MET C 71 0.12 3.98 -13.52
N HIS C 72 -0.70 3.06 -13.99
CA HIS C 72 -1.29 3.16 -15.33
C HIS C 72 -2.61 2.42 -15.35
N TRP C 73 -3.56 2.96 -16.12
CA TRP C 73 -4.89 2.37 -16.24
C TRP C 73 -4.84 1.18 -17.19
N GLY C 74 -6.01 0.68 -17.59
CA GLY C 74 -6.10 -0.39 -18.55
C GLY C 74 -7.06 -0.02 -19.67
N THR C 75 -6.96 -0.80 -20.76
CA THR C 75 -7.78 -0.52 -21.92
C THR C 75 -9.27 -0.69 -21.62
N ASP C 76 -9.62 -1.74 -20.87
CA ASP C 76 -11.02 -1.99 -20.53
C ASP C 76 -11.50 -1.18 -19.34
N SER C 77 -10.63 -0.38 -18.73
CA SER C 77 -10.99 0.50 -17.61
C SER C 77 -11.47 -0.30 -16.39
N ARG C 78 -10.88 -1.46 -16.16
CA ARG C 78 -11.18 -2.20 -14.94
C ARG C 78 -9.93 -2.63 -14.20
N LEU C 79 -8.87 -3.01 -14.90
CA LEU C 79 -7.65 -3.50 -14.28
C LEU C 79 -6.63 -2.35 -14.17
N LEU C 80 -6.00 -2.23 -13.01
CA LEU C 80 -5.01 -1.21 -12.73
C LEU C 80 -3.64 -1.85 -12.60
N VAL C 81 -2.65 -1.01 -12.27
CA VAL C 81 -1.31 -1.47 -11.94
C VAL C 81 -0.60 -0.36 -11.20
N SER C 82 0.14 -0.72 -10.16
CA SER C 82 0.84 0.26 -9.33
C SER C 82 2.23 -0.24 -8.99
N ALA C 83 3.13 0.70 -8.74
CA ALA C 83 4.51 0.39 -8.41
C ALA C 83 4.92 1.18 -7.17
N SER C 84 5.79 0.58 -6.37
CA SER C 84 6.18 1.18 -5.10
C SER C 84 7.63 0.82 -4.80
N GLN C 85 8.23 1.61 -3.90
CA GLN C 85 9.61 1.39 -3.49
C GLN C 85 9.80 0.13 -2.68
N ASP C 86 8.71 -0.52 -2.23
CA ASP C 86 8.81 -1.76 -1.49
C ASP C 86 9.25 -2.93 -2.36
N GLY C 87 9.27 -2.77 -3.67
CA GLY C 87 9.66 -3.84 -4.56
C GLY C 87 8.54 -4.73 -5.02
N LYS C 88 7.28 -4.28 -4.91
CA LYS C 88 6.12 -5.09 -5.26
C LYS C 88 5.35 -4.41 -6.37
N LEU C 89 4.97 -5.19 -7.38
CA LEU C 89 4.10 -4.76 -8.46
C LEU C 89 2.78 -5.48 -8.33
N ILE C 90 1.69 -4.73 -8.26
CA ILE C 90 0.37 -5.30 -7.98
C ILE C 90 -0.59 -4.87 -9.07
N ILE C 91 -1.34 -5.83 -9.60
CA ILE C 91 -2.40 -5.56 -10.59
C ILE C 91 -3.74 -5.65 -9.87
N TRP C 92 -4.44 -4.52 -9.80
CA TRP C 92 -5.67 -4.40 -9.02
C TRP C 92 -6.90 -4.64 -9.89
N ASP C 93 -8.02 -4.89 -9.21
CA ASP C 93 -9.33 -4.94 -9.84
C ASP C 93 -10.14 -3.79 -9.25
N SER C 94 -10.44 -2.79 -10.09
CA SER C 94 -11.02 -1.56 -9.57
C SER C 94 -12.39 -1.78 -8.96
N TYR C 95 -13.22 -2.61 -9.59
CA TYR C 95 -14.63 -2.69 -9.20
C TYR C 95 -14.80 -3.29 -7.80
N THR C 96 -14.16 -4.43 -7.54
CA THR C 96 -14.32 -5.14 -6.28
C THR C 96 -13.13 -4.92 -5.34
N THR C 97 -12.20 -4.03 -5.70
CA THR C 97 -11.01 -3.74 -4.90
C THR C 97 -10.19 -5.00 -4.59
N ASN C 98 -10.37 -6.05 -5.37
CA ASN C 98 -9.63 -7.29 -5.16
C ASN C 98 -8.20 -7.15 -5.67
N LYS C 99 -7.43 -8.23 -5.55
CA LYS C 99 -6.08 -8.30 -6.07
C LYS C 99 -5.99 -9.51 -7.00
N VAL C 100 -5.34 -9.32 -8.14
CA VAL C 100 -5.23 -10.36 -9.16
C VAL C 100 -3.82 -10.92 -9.23
N HIS C 101 -2.80 -10.10 -9.03
CA HIS C 101 -1.42 -10.55 -9.10
C HIS C 101 -0.58 -9.74 -8.13
N ALA C 102 0.59 -10.29 -7.80
CA ALA C 102 1.58 -9.59 -7.00
C ALA C 102 2.96 -10.04 -7.48
N ILE C 103 3.70 -9.13 -8.08
CA ILE C 103 4.93 -9.46 -8.80
C ILE C 103 6.12 -8.95 -7.99
N PRO C 104 7.01 -9.82 -7.52
CA PRO C 104 8.26 -9.34 -6.91
C PRO C 104 9.18 -8.74 -7.95
N LEU C 105 9.99 -7.79 -7.52
CA LEU C 105 10.89 -7.04 -8.40
C LEU C 105 12.34 -7.27 -7.99
N ARG C 106 13.22 -7.27 -9.00
CA ARG C 106 14.63 -7.48 -8.74
C ARG C 106 15.23 -6.34 -7.94
N SER C 107 14.86 -5.10 -8.25
CA SER C 107 15.35 -3.93 -7.54
C SER C 107 14.18 -3.13 -6.99
N SER C 108 14.37 -2.56 -5.81
CA SER C 108 13.30 -1.82 -5.14
C SER C 108 13.12 -0.40 -5.66
N TRP C 109 14.07 0.12 -6.42
CA TRP C 109 14.00 1.48 -6.94
C TRP C 109 13.25 1.46 -8.25
N VAL C 110 12.03 2.00 -8.26
CA VAL C 110 11.15 1.95 -9.42
C VAL C 110 10.57 3.33 -9.64
N MET C 111 10.54 3.76 -10.91
CA MET C 111 10.07 5.09 -11.26
C MET C 111 8.92 5.12 -12.27
N THR C 112 8.62 4.02 -12.95
CA THR C 112 7.60 4.07 -14.00
C THR C 112 6.95 2.70 -14.17
N CYS C 113 5.76 2.72 -14.77
CA CYS C 113 5.01 1.50 -15.07
C CYS C 113 4.10 1.76 -16.26
N ALA C 114 3.71 0.70 -16.95
CA ALA C 114 2.84 0.83 -18.11
C ALA C 114 2.12 -0.49 -18.35
N TYR C 115 0.91 -0.38 -18.89
CA TYR C 115 0.04 -1.51 -19.19
C TYR C 115 -0.16 -1.61 -20.69
N ALA C 116 0.08 -2.79 -21.26
CA ALA C 116 -0.01 -2.95 -22.70
C ALA C 116 -1.44 -2.77 -23.18
N PRO C 117 -1.65 -2.21 -24.37
CA PRO C 117 -3.03 -2.00 -24.85
C PRO C 117 -3.81 -3.28 -25.04
N SER C 118 -3.14 -4.38 -25.42
CA SER C 118 -3.82 -5.66 -25.60
C SER C 118 -4.07 -6.38 -24.29
N GLY C 119 -3.54 -5.88 -23.18
CA GLY C 119 -3.75 -6.50 -21.88
C GLY C 119 -2.85 -7.67 -21.58
N ASN C 120 -1.87 -7.96 -22.43
CA ASN C 120 -1.03 -9.13 -22.24
C ASN C 120 0.27 -8.85 -21.50
N TYR C 121 0.76 -7.61 -21.52
CA TYR C 121 2.11 -7.31 -21.02
C TYR C 121 2.08 -6.14 -20.06
N VAL C 122 3.09 -6.11 -19.18
CA VAL C 122 3.32 -5.01 -18.26
C VAL C 122 4.81 -4.69 -18.25
N ALA C 123 5.14 -3.40 -18.28
CA ALA C 123 6.52 -2.94 -18.31
C ALA C 123 6.84 -2.10 -17.09
N CYS C 124 8.09 -2.17 -16.64
CA CYS C 124 8.52 -1.42 -15.47
C CYS C 124 10.03 -1.20 -15.55
N GLY C 125 10.48 -0.10 -14.95
CA GLY C 125 11.91 0.21 -14.91
C GLY C 125 12.18 1.39 -14.01
N GLY C 126 13.43 1.48 -13.56
CA GLY C 126 13.83 2.50 -12.59
C GLY C 126 15.32 2.80 -12.67
N LEU C 127 15.93 2.99 -11.50
CA LEU C 127 17.32 3.40 -11.39
C LEU C 127 18.31 2.32 -11.80
N ASP C 128 17.85 1.17 -12.28
CA ASP C 128 18.74 0.09 -12.69
C ASP C 128 19.11 0.16 -14.15
N ASN C 129 18.67 1.20 -14.87
CA ASN C 129 18.99 1.40 -16.28
C ASN C 129 18.50 0.24 -17.14
N ILE C 130 17.40 -0.39 -16.71
CA ILE C 130 16.83 -1.54 -17.40
C ILE C 130 15.32 -1.41 -17.41
N CYS C 131 14.72 -1.71 -18.55
CA CYS C 131 13.26 -1.83 -18.68
C CYS C 131 12.91 -3.30 -18.80
N SER C 132 11.97 -3.76 -17.96
CA SER C 132 11.61 -5.16 -17.88
C SER C 132 10.20 -5.38 -18.42
N ILE C 133 9.98 -6.50 -19.08
CA ILE C 133 8.69 -6.87 -19.65
C ILE C 133 8.28 -8.22 -19.08
N TYR C 134 7.07 -8.28 -18.54
CA TYR C 134 6.54 -9.50 -17.92
C TYR C 134 5.41 -10.07 -18.77
N ASN C 135 5.42 -11.39 -18.95
CA ASN C 135 4.37 -12.09 -19.66
C ASN C 135 3.30 -12.52 -18.67
N LEU C 136 2.09 -12.01 -18.84
CA LEU C 136 1.02 -12.21 -17.87
C LEU C 136 0.02 -13.29 -18.29
N LYS C 137 0.31 -14.04 -19.35
CA LYS C 137 -0.59 -15.06 -19.86
C LYS C 137 0.17 -16.36 -20.13
N THR C 138 1.03 -16.75 -19.19
CA THR C 138 1.82 -17.95 -19.35
C THR C 138 0.96 -19.20 -19.19
N ARG C 139 1.29 -20.23 -19.96
CA ARG C 139 0.58 -21.51 -19.83
C ARG C 139 0.88 -22.19 -18.49
N GLU C 140 2.05 -21.91 -17.91
CA GLU C 140 2.43 -22.54 -16.65
C GLU C 140 1.61 -22.04 -15.47
N GLY C 141 0.96 -20.89 -15.59
CA GLY C 141 0.08 -20.38 -14.57
C GLY C 141 0.65 -19.24 -13.75
N ASN C 142 1.94 -18.97 -13.84
CA ASN C 142 2.57 -17.86 -13.13
C ASN C 142 3.01 -16.78 -14.12
N VAL C 143 3.70 -15.77 -13.59
CA VAL C 143 4.19 -14.65 -14.39
C VAL C 143 5.71 -14.63 -14.28
N ARG C 144 6.38 -14.61 -15.44
CA ARG C 144 7.83 -14.58 -15.50
C ARG C 144 8.27 -13.43 -16.38
N VAL C 145 9.59 -13.16 -16.36
CA VAL C 145 10.15 -12.06 -17.12
C VAL C 145 10.41 -12.53 -18.55
N SER C 146 9.72 -11.91 -19.51
CA SER C 146 9.91 -12.27 -20.91
C SER C 146 11.31 -11.89 -21.39
N ARG C 147 11.71 -10.65 -21.16
CA ARG C 147 13.02 -10.15 -21.57
C ARG C 147 13.27 -8.83 -20.87
N GLU C 148 14.54 -8.46 -20.77
CA GLU C 148 14.97 -7.24 -20.12
C GLU C 148 15.78 -6.40 -21.11
N LEU C 149 15.48 -5.10 -21.16
CA LEU C 149 16.07 -4.19 -22.13
C LEU C 149 17.19 -3.39 -21.47
N ALA C 150 18.39 -3.44 -22.06
CA ALA C 150 19.56 -2.78 -21.47
C ALA C 150 20.34 -2.08 -22.58
N GLY C 151 20.03 -0.80 -22.79
CA GLY C 151 20.77 -0.01 -23.76
C GLY C 151 20.95 1.45 -23.38
N HIS C 152 20.54 1.82 -22.17
CA HIS C 152 20.61 3.20 -21.72
C HIS C 152 21.77 3.41 -20.77
N THR C 153 22.16 4.67 -20.61
CA THR C 153 23.26 5.04 -19.72
C THR C 153 22.80 5.90 -18.54
N GLY C 154 21.48 6.06 -18.35
CA GLY C 154 20.95 6.83 -17.26
C GLY C 154 19.69 6.20 -16.73
N TYR C 155 19.19 6.74 -15.62
CA TYR C 155 17.97 6.23 -15.03
C TYR C 155 16.78 6.50 -15.93
N LEU C 156 15.91 5.49 -16.06
CA LEU C 156 14.72 5.63 -16.89
C LEU C 156 13.68 6.49 -16.18
N SER C 157 12.84 7.13 -16.98
CA SER C 157 11.84 8.02 -16.42
C SER C 157 10.42 7.69 -16.87
N CYS C 158 10.24 7.24 -18.11
CA CYS C 158 8.91 6.94 -18.61
C CYS C 158 8.99 5.80 -19.62
N CYS C 159 7.88 5.09 -19.76
CA CYS C 159 7.78 3.96 -20.69
C CYS C 159 6.38 3.94 -21.29
N ARG C 160 6.29 3.58 -22.57
CA ARG C 160 5.00 3.46 -23.24
C ARG C 160 5.04 2.29 -24.20
N PHE C 161 3.86 1.75 -24.49
CA PHE C 161 3.70 0.63 -25.41
C PHE C 161 3.05 1.12 -26.69
N LEU C 162 3.65 0.79 -27.82
CA LEU C 162 3.02 1.08 -29.11
C LEU C 162 2.15 -0.10 -29.54
N ASP C 163 2.75 -1.28 -29.68
CA ASP C 163 2.05 -2.52 -29.94
C ASP C 163 2.53 -3.55 -28.93
N ASP C 164 2.19 -4.82 -29.13
CA ASP C 164 2.81 -5.88 -28.36
C ASP C 164 4.24 -6.18 -28.79
N ASN C 165 4.84 -5.31 -29.61
CA ASN C 165 6.19 -5.51 -30.12
C ASN C 165 7.10 -4.31 -29.98
N GLN C 166 6.57 -3.09 -29.84
CA GLN C 166 7.38 -1.88 -29.82
C GLN C 166 7.14 -1.10 -28.54
N ILE C 167 8.22 -0.59 -27.95
CA ILE C 167 8.18 0.19 -26.72
C ILE C 167 9.04 1.43 -26.90
N VAL C 168 8.60 2.55 -26.35
CA VAL C 168 9.33 3.81 -26.40
C VAL C 168 9.68 4.22 -24.99
N THR C 169 10.97 4.47 -24.74
CA THR C 169 11.46 4.83 -23.42
C THR C 169 12.10 6.20 -23.44
N SER C 170 12.33 6.75 -22.25
CA SER C 170 12.86 8.10 -22.08
C SER C 170 13.76 8.13 -20.85
N SER C 171 15.07 7.99 -21.07
CA SER C 171 16.01 7.86 -19.98
C SER C 171 16.47 9.24 -19.50
N GLY C 172 17.43 9.26 -18.59
CA GLY C 172 18.01 10.50 -18.10
C GLY C 172 19.33 10.80 -18.77
N ASP C 173 19.58 10.17 -19.91
CA ASP C 173 20.79 10.39 -20.68
C ASP C 173 20.57 11.38 -21.82
N THR C 174 19.62 12.30 -21.65
CA THR C 174 19.29 13.32 -22.65
C THR C 174 18.87 12.71 -23.98
N THR C 175 18.22 11.55 -23.95
CA THR C 175 17.83 10.85 -25.17
C THR C 175 16.49 10.15 -24.96
N CYS C 176 15.84 9.84 -26.07
CA CYS C 176 14.68 8.96 -26.10
C CYS C 176 14.90 7.92 -27.18
N ALA C 177 14.34 6.73 -26.97
CA ALA C 177 14.66 5.58 -27.80
C ALA C 177 13.40 4.88 -28.26
N LEU C 178 13.56 4.02 -29.28
CA LEU C 178 12.50 3.15 -29.77
C LEU C 178 13.07 1.75 -29.91
N TRP C 179 12.45 0.78 -29.24
CA TRP C 179 12.99 -0.56 -29.11
C TRP C 179 12.23 -1.55 -29.98
N ASP C 180 12.64 -2.81 -29.89
CA ASP C 180 11.98 -3.93 -30.56
C ASP C 180 11.99 -5.11 -29.61
N ILE C 181 10.82 -5.44 -29.05
CA ILE C 181 10.75 -6.39 -27.95
C ILE C 181 11.20 -7.78 -28.41
N GLU C 182 10.88 -8.15 -29.65
CA GLU C 182 11.17 -9.50 -30.12
C GLU C 182 12.66 -9.81 -30.09
N THR C 183 13.51 -8.81 -30.37
CA THR C 183 14.95 -9.01 -30.39
C THR C 183 15.72 -8.12 -29.43
N GLY C 184 15.08 -7.12 -28.81
CA GLY C 184 15.74 -6.29 -27.82
C GLY C 184 16.88 -5.46 -28.37
N GLN C 185 16.68 -4.84 -29.52
CA GLN C 185 17.69 -4.01 -30.16
C GLN C 185 17.18 -2.58 -30.35
N GLN C 186 18.12 -1.64 -30.30
CA GLN C 186 17.80 -0.23 -30.49
C GLN C 186 17.47 0.04 -31.95
N THR C 187 16.19 0.22 -32.26
CA THR C 187 15.78 0.46 -33.64
C THR C 187 16.12 1.87 -34.09
N THR C 188 15.85 2.86 -33.24
CA THR C 188 16.04 4.26 -33.61
C THR C 188 16.37 5.06 -32.36
N THR C 189 17.29 6.02 -32.50
CA THR C 189 17.71 6.87 -31.40
C THR C 189 17.31 8.31 -31.67
N PHE C 190 16.80 8.97 -30.64
CA PHE C 190 16.36 10.37 -30.71
C PHE C 190 17.31 11.22 -29.89
N THR C 191 17.93 12.22 -30.53
CA THR C 191 18.91 13.07 -29.90
C THR C 191 18.63 14.53 -30.24
N GLY C 192 19.09 15.43 -29.36
CA GLY C 192 18.88 16.85 -29.56
C GLY C 192 18.67 17.61 -28.27
N HIS C 193 18.35 16.91 -27.19
CA HIS C 193 18.16 17.56 -25.91
C HIS C 193 19.50 17.84 -25.24
N THR C 194 19.48 18.76 -24.28
CA THR C 194 20.66 19.18 -23.54
C THR C 194 20.44 19.07 -22.05
N GLY C 195 19.89 17.96 -21.60
CA GLY C 195 19.65 17.75 -20.19
C GLY C 195 18.73 16.58 -19.95
N ASP C 196 18.50 16.32 -18.66
CA ASP C 196 17.63 15.22 -18.26
C ASP C 196 16.23 15.43 -18.80
N VAL C 197 15.63 14.36 -19.33
CA VAL C 197 14.28 14.38 -19.87
C VAL C 197 13.42 13.41 -19.07
N MET C 198 12.26 13.89 -18.59
CA MET C 198 11.32 13.05 -17.87
C MET C 198 9.89 13.42 -18.28
N SER C 199 9.43 12.82 -19.39
CA SER C 199 8.06 12.92 -19.88
C SER C 199 7.98 12.15 -21.19
N LEU C 200 6.75 11.77 -21.55
CA LEU C 200 6.44 11.18 -22.84
C LEU C 200 4.94 11.28 -23.07
N SER C 201 4.55 11.22 -24.34
CA SER C 201 3.14 11.19 -24.71
C SER C 201 3.03 10.68 -26.13
N LEU C 202 2.41 9.52 -26.31
CA LEU C 202 2.22 8.95 -27.63
C LEU C 202 0.94 9.47 -28.25
N ALA C 203 1.01 9.84 -29.52
CA ALA C 203 -0.14 10.45 -30.19
C ALA C 203 -1.26 9.43 -30.37
N PRO C 204 -2.51 9.89 -30.46
CA PRO C 204 -3.62 8.94 -30.68
C PRO C 204 -3.48 8.13 -31.96
N ASP C 205 -2.92 8.73 -33.02
CA ASP C 205 -2.73 8.00 -34.27
C ASP C 205 -1.44 7.17 -34.27
N THR C 206 -0.64 7.26 -33.22
CA THR C 206 0.58 6.47 -33.05
C THR C 206 1.55 6.71 -34.21
N ARG C 207 1.86 7.99 -34.42
CA ARG C 207 2.88 8.38 -35.38
C ARG C 207 3.82 9.46 -34.89
N LEU C 208 3.51 10.16 -33.80
CA LEU C 208 4.35 11.22 -33.27
C LEU C 208 4.31 11.18 -31.75
N PHE C 209 5.34 11.74 -31.12
CA PHE C 209 5.35 11.85 -29.67
C PHE C 209 6.19 13.05 -29.27
N VAL C 210 5.87 13.62 -28.11
CA VAL C 210 6.50 14.83 -27.62
C VAL C 210 7.00 14.59 -26.20
N SER C 211 8.16 15.15 -25.87
CA SER C 211 8.77 14.96 -24.57
C SER C 211 9.21 16.31 -24.00
N GLY C 212 9.30 16.37 -22.68
CA GLY C 212 9.74 17.57 -21.99
C GLY C 212 10.90 17.33 -21.06
N ALA C 213 11.97 18.08 -21.24
CA ALA C 213 13.21 17.89 -20.48
C ALA C 213 13.33 18.93 -19.38
N CYS C 214 14.48 18.96 -18.72
CA CYS C 214 14.74 19.91 -17.64
C CYS C 214 15.24 21.25 -18.16
N ASP C 215 15.29 21.45 -19.47
CA ASP C 215 15.75 22.68 -20.08
C ASP C 215 14.62 23.68 -20.32
N ALA C 216 13.43 23.41 -19.80
CA ALA C 216 12.23 24.19 -20.08
C ALA C 216 11.90 24.21 -21.57
N SER C 217 12.23 23.13 -22.27
CA SER C 217 11.98 23.02 -23.70
C SER C 217 11.35 21.66 -24.01
N ALA C 218 10.53 21.64 -25.06
CA ALA C 218 9.87 20.42 -25.51
C ALA C 218 10.07 20.27 -27.01
N LYS C 219 10.12 19.02 -27.46
CA LYS C 219 10.37 18.70 -28.85
C LYS C 219 9.31 17.74 -29.37
N LEU C 220 8.86 17.95 -30.60
CA LEU C 220 7.84 17.12 -31.23
C LEU C 220 8.54 16.21 -32.24
N TRP C 221 8.93 15.02 -31.78
CA TRP C 221 9.71 14.11 -32.60
C TRP C 221 8.84 13.46 -33.67
N ASP C 222 9.48 12.67 -34.52
CA ASP C 222 8.81 11.91 -35.57
C ASP C 222 9.23 10.45 -35.43
N VAL C 223 8.24 9.56 -35.29
CA VAL C 223 8.55 8.17 -35.01
C VAL C 223 9.18 7.49 -36.23
N ARG C 224 8.63 7.74 -37.42
CA ARG C 224 9.12 7.07 -38.62
C ARG C 224 10.45 7.65 -39.08
N GLU C 225 10.49 8.96 -39.28
CA GLU C 225 11.71 9.59 -39.80
C GLU C 225 12.84 9.56 -38.77
N GLY C 226 12.53 9.89 -37.52
CA GLY C 226 13.53 9.95 -36.48
C GLY C 226 14.18 11.29 -36.28
N MET C 227 13.64 12.36 -36.87
CA MET C 227 14.20 13.70 -36.77
C MET C 227 13.18 14.62 -36.12
N CYS C 228 13.62 15.38 -35.12
CA CYS C 228 12.74 16.32 -34.46
C CYS C 228 12.29 17.40 -35.44
N ARG C 229 11.04 17.82 -35.31
CA ARG C 229 10.45 18.78 -36.24
C ARG C 229 10.23 20.16 -35.66
N GLN C 230 10.04 20.28 -34.35
CA GLN C 230 9.74 21.56 -33.74
C GLN C 230 10.33 21.62 -32.34
N THR C 231 10.42 22.84 -31.81
CA THR C 231 10.91 23.07 -30.45
C THR C 231 10.14 24.23 -29.84
N PHE C 232 9.77 24.07 -28.57
CA PHE C 232 9.02 25.10 -27.84
C PHE C 232 9.79 25.48 -26.58
N THR C 233 9.96 26.78 -26.38
CA THR C 233 10.67 27.31 -25.21
C THR C 233 9.87 28.49 -24.67
N GLY C 234 9.11 28.26 -23.60
CA GLY C 234 8.33 29.33 -23.01
C GLY C 234 8.20 29.27 -21.51
N HIS C 235 8.95 28.38 -20.86
CA HIS C 235 8.86 28.18 -19.42
C HIS C 235 10.02 28.88 -18.72
N GLU C 236 10.14 28.65 -17.40
CA GLU C 236 11.18 29.25 -16.60
C GLU C 236 12.02 28.25 -15.83
N SER C 237 11.58 27.02 -15.67
CA SER C 237 12.35 26.00 -14.95
C SER C 237 12.02 24.64 -15.54
N ASP C 238 12.36 23.58 -14.81
CA ASP C 238 12.27 22.22 -15.32
C ASP C 238 10.82 21.84 -15.63
N ILE C 239 10.67 20.81 -16.44
CA ILE C 239 9.38 20.29 -16.88
C ILE C 239 9.15 18.95 -16.22
N ASN C 240 7.93 18.72 -15.73
CA ASN C 240 7.62 17.50 -14.98
C ASN C 240 6.47 16.68 -15.54
N ALA C 241 5.63 17.23 -16.41
CA ALA C 241 4.50 16.45 -16.93
C ALA C 241 4.10 17.00 -18.29
N ILE C 242 3.41 16.15 -19.05
CA ILE C 242 2.96 16.50 -20.40
C ILE C 242 1.86 15.52 -20.80
N CYS C 243 0.98 15.96 -21.71
CA CYS C 243 -0.14 15.15 -22.15
C CYS C 243 -0.75 15.77 -23.40
N PHE C 244 -0.97 14.96 -24.42
CA PHE C 244 -1.64 15.44 -25.63
C PHE C 244 -3.11 15.74 -25.38
N PHE C 245 -3.60 16.78 -26.05
CA PHE C 245 -5.01 17.06 -26.11
C PHE C 245 -5.73 15.93 -26.85
N PRO C 246 -6.96 15.61 -26.46
CA PRO C 246 -7.66 14.47 -27.09
C PRO C 246 -7.84 14.62 -28.60
N ASN C 247 -8.00 15.84 -29.10
CA ASN C 247 -8.12 16.04 -30.54
C ASN C 247 -6.84 15.66 -31.27
N GLY C 248 -5.68 15.84 -30.64
CA GLY C 248 -4.41 15.49 -31.24
C GLY C 248 -3.63 16.62 -31.86
N ASN C 249 -4.07 17.86 -31.68
CA ASN C 249 -3.38 19.02 -32.25
C ASN C 249 -3.05 20.06 -31.19
N ALA C 250 -2.75 19.61 -29.97
CA ALA C 250 -2.33 20.48 -28.89
C ALA C 250 -1.79 19.60 -27.77
N PHE C 251 -1.08 20.22 -26.83
CA PHE C 251 -0.63 19.51 -25.65
C PHE C 251 -0.39 20.52 -24.53
N ALA C 252 -0.36 19.99 -23.30
CA ALA C 252 -0.19 20.81 -22.11
C ALA C 252 0.97 20.26 -21.30
N THR C 253 1.52 21.12 -20.43
CA THR C 253 2.68 20.72 -19.65
C THR C 253 2.66 21.43 -18.30
N GLY C 254 3.35 20.84 -17.35
CA GLY C 254 3.47 21.40 -16.01
C GLY C 254 4.93 21.50 -15.61
N SER C 255 5.29 22.63 -15.00
CA SER C 255 6.68 22.94 -14.70
C SER C 255 6.86 23.10 -13.20
N ASP C 256 8.13 23.20 -12.80
CA ASP C 256 8.47 23.36 -11.39
C ASP C 256 8.16 24.76 -10.88
N ASP C 257 7.99 25.74 -11.76
CA ASP C 257 7.73 27.12 -11.36
C ASP C 257 6.26 27.36 -10.99
N ALA C 258 5.47 26.29 -10.80
CA ALA C 258 4.09 26.39 -10.35
C ALA C 258 3.21 27.12 -11.36
N THR C 259 3.21 26.63 -12.61
CA THR C 259 2.38 27.20 -13.66
C THR C 259 2.36 26.22 -14.82
N CYS C 260 1.17 26.00 -15.39
CA CYS C 260 0.99 25.13 -16.54
C CYS C 260 0.74 25.97 -17.79
N ARG C 261 1.19 25.45 -18.93
CA ARG C 261 1.03 26.12 -20.21
C ARG C 261 0.52 25.15 -21.26
N LEU C 262 -0.28 25.67 -22.19
CA LEU C 262 -0.81 24.90 -23.31
C LEU C 262 -0.15 25.40 -24.58
N PHE C 263 0.49 24.49 -25.32
CA PHE C 263 1.20 24.83 -26.53
C PHE C 263 0.36 24.43 -27.74
N ASP C 264 0.96 24.53 -28.93
CA ASP C 264 0.30 24.13 -30.16
C ASP C 264 1.33 23.64 -31.15
N LEU C 265 0.89 22.81 -32.09
CA LEU C 265 1.77 22.29 -33.13
C LEU C 265 1.43 22.84 -34.52
N ARG C 266 0.51 23.79 -34.60
CA ARG C 266 0.18 24.47 -35.85
C ARG C 266 0.58 25.93 -35.84
N ALA C 267 0.24 26.66 -34.78
CA ALA C 267 0.73 28.03 -34.62
C ALA C 267 2.15 28.07 -34.07
N ASP C 268 2.66 26.93 -33.58
CA ASP C 268 4.06 26.80 -33.17
C ASP C 268 4.42 27.80 -32.06
N GLN C 269 3.53 27.94 -31.09
CA GLN C 269 3.75 28.83 -29.96
C GLN C 269 2.72 28.54 -28.88
N GLU C 270 2.70 29.38 -27.84
CA GLU C 270 1.79 29.20 -26.73
C GLU C 270 0.40 29.70 -27.08
N LEU C 271 -0.59 29.27 -26.29
CA LEU C 271 -1.95 29.78 -26.37
C LEU C 271 -2.40 30.46 -25.08
N MET C 272 -2.27 29.78 -23.94
CA MET C 272 -2.73 30.32 -22.68
C MET C 272 -1.89 29.76 -21.55
N THR C 273 -1.98 30.40 -20.39
CA THR C 273 -1.24 29.99 -19.20
C THR C 273 -2.19 29.94 -18.01
N TYR C 274 -1.85 29.07 -17.05
CA TYR C 274 -2.65 28.86 -15.85
C TYR C 274 -1.79 29.27 -14.65
N SER C 275 -2.08 30.43 -14.07
CA SER C 275 -1.27 31.00 -13.02
C SER C 275 -2.14 31.40 -11.84
N HIS C 276 -1.52 31.40 -10.66
CA HIS C 276 -2.18 31.83 -9.43
C HIS C 276 -1.14 32.42 -8.49
N ASP C 277 -1.58 33.39 -7.68
CA ASP C 277 -0.64 34.05 -6.78
C ASP C 277 -0.29 33.17 -5.59
N ASN C 278 -1.25 32.39 -5.09
CA ASN C 278 -1.01 31.56 -3.91
C ASN C 278 -0.17 30.34 -4.22
N ILE C 279 -0.30 29.77 -5.42
CA ILE C 279 0.39 28.53 -5.76
C ILE C 279 1.89 28.82 -5.81
N ILE C 280 2.66 28.05 -5.06
CA ILE C 280 4.12 28.22 -4.98
C ILE C 280 4.85 26.93 -5.34
N CYS C 281 4.40 25.80 -4.79
CA CYS C 281 5.07 24.52 -5.04
C CYS C 281 4.83 24.06 -6.47
N GLY C 282 5.73 23.19 -6.94
CA GLY C 282 5.72 22.77 -8.33
C GLY C 282 4.64 21.78 -8.66
N ILE C 283 4.48 21.55 -9.96
CA ILE C 283 3.48 20.64 -10.52
C ILE C 283 4.09 19.25 -10.61
N THR C 284 3.27 18.23 -10.34
CA THR C 284 3.72 16.84 -10.36
C THR C 284 3.21 16.05 -11.56
N SER C 285 1.93 16.19 -11.92
CA SER C 285 1.40 15.46 -13.05
C SER C 285 0.22 16.22 -13.65
N VAL C 286 0.02 16.03 -14.96
CA VAL C 286 -1.02 16.73 -15.70
C VAL C 286 -1.72 15.73 -16.62
N SER C 287 -3.05 15.83 -16.71
CA SER C 287 -3.80 14.98 -17.62
C SER C 287 -5.08 15.68 -18.03
N PHE C 288 -5.64 15.23 -19.15
CA PHE C 288 -6.86 15.78 -19.72
C PHE C 288 -8.03 14.85 -19.47
N SER C 289 -9.24 15.38 -19.63
CA SER C 289 -10.46 14.61 -19.50
C SER C 289 -10.76 13.91 -20.83
N LYS C 290 -11.97 13.35 -20.95
CA LYS C 290 -12.34 12.68 -22.20
C LYS C 290 -12.57 13.69 -23.32
N SER C 291 -13.30 14.77 -23.03
CA SER C 291 -13.61 15.77 -24.04
C SER C 291 -12.58 16.90 -24.09
N GLY C 292 -11.57 16.86 -23.22
CA GLY C 292 -10.51 17.86 -23.24
C GLY C 292 -10.85 19.16 -22.56
N ARG C 293 -12.04 19.29 -21.97
CA ARG C 293 -12.42 20.54 -21.32
C ARG C 293 -11.76 20.71 -19.96
N LEU C 294 -11.47 19.62 -19.27
CA LEU C 294 -10.90 19.66 -17.93
C LEU C 294 -9.44 19.24 -17.98
N LEU C 295 -8.59 19.96 -17.25
CA LEU C 295 -7.16 19.70 -17.18
C LEU C 295 -6.82 19.38 -15.73
N LEU C 296 -6.81 18.09 -15.40
CA LEU C 296 -6.41 17.67 -14.06
C LEU C 296 -4.92 17.89 -13.86
N ALA C 297 -4.55 18.38 -12.68
CA ALA C 297 -3.15 18.67 -12.38
C ALA C 297 -2.85 18.28 -10.95
N GLY C 298 -1.75 17.54 -10.76
CA GLY C 298 -1.25 17.26 -9.43
C GLY C 298 -0.53 18.46 -8.84
N TYR C 299 -0.12 18.32 -7.59
CA TYR C 299 0.53 19.42 -6.90
C TYR C 299 1.39 18.86 -5.77
N ASP C 300 2.26 19.71 -5.25
CA ASP C 300 3.00 19.42 -4.02
C ASP C 300 2.34 20.01 -2.79
N ASP C 301 1.16 20.62 -2.94
CA ASP C 301 0.40 21.18 -1.84
C ASP C 301 -0.52 20.17 -1.18
N PHE C 302 -0.19 18.88 -1.27
CA PHE C 302 -0.95 17.80 -0.66
C PHE C 302 -2.36 17.70 -1.22
N ASN C 303 -2.56 18.09 -2.47
CA ASN C 303 -3.88 18.00 -3.08
C ASN C 303 -3.74 18.08 -4.59
N CYS C 304 -4.83 17.78 -5.28
CA CYS C 304 -4.94 17.91 -6.72
C CYS C 304 -5.70 19.20 -7.05
N ASN C 305 -5.98 19.41 -8.33
CA ASN C 305 -6.66 20.64 -8.74
C ASN C 305 -7.32 20.40 -10.09
N VAL C 306 -8.30 21.25 -10.40
CA VAL C 306 -9.04 21.18 -11.65
C VAL C 306 -8.98 22.56 -12.31
N TRP C 307 -8.47 22.61 -13.54
CA TRP C 307 -8.35 23.84 -14.30
C TRP C 307 -9.25 23.77 -15.53
N ASP C 308 -10.06 24.81 -15.72
CA ASP C 308 -10.87 24.92 -16.93
C ASP C 308 -9.97 25.22 -18.10
N ALA C 309 -9.83 24.26 -19.03
CA ALA C 309 -8.81 24.34 -20.06
C ALA C 309 -9.04 25.50 -21.04
N LEU C 310 -10.25 26.04 -21.13
CA LEU C 310 -10.55 27.11 -22.08
C LEU C 310 -10.53 28.48 -21.43
N LYS C 311 -11.25 28.66 -20.32
CA LYS C 311 -11.28 29.96 -19.66
C LYS C 311 -10.08 30.20 -18.75
N ALA C 312 -9.24 29.18 -18.54
CA ALA C 312 -8.07 29.29 -17.69
C ALA C 312 -8.42 29.78 -16.29
N ASP C 313 -9.53 29.29 -15.75
CA ASP C 313 -10.02 29.69 -14.45
C ASP C 313 -10.25 28.48 -13.56
N ARG C 314 -10.18 28.72 -12.25
CA ARG C 314 -10.36 27.65 -11.28
C ARG C 314 -11.79 27.13 -11.31
N ALA C 315 -11.92 25.80 -11.22
CA ALA C 315 -13.23 25.16 -11.28
C ALA C 315 -13.51 24.22 -10.11
N GLY C 316 -12.50 23.68 -9.44
CA GLY C 316 -12.75 22.79 -8.33
C GLY C 316 -11.46 22.33 -7.70
N VAL C 317 -11.60 21.65 -6.56
CA VAL C 317 -10.49 21.12 -5.79
C VAL C 317 -10.81 19.68 -5.42
N LEU C 318 -9.80 18.82 -5.50
CA LEU C 318 -9.93 17.42 -5.12
C LEU C 318 -8.91 17.13 -4.01
N ALA C 319 -9.32 17.39 -2.77
CA ALA C 319 -8.45 17.20 -1.61
C ALA C 319 -8.76 15.88 -0.92
N GLY C 320 -7.89 15.50 0.02
CA GLY C 320 -8.09 14.27 0.76
C GLY C 320 -6.85 13.41 0.88
N HIS C 321 -5.69 13.95 0.54
CA HIS C 321 -4.42 13.23 0.63
C HIS C 321 -3.53 13.87 1.69
N ASP C 322 -2.90 13.03 2.49
CA ASP C 322 -1.99 13.53 3.53
C ASP C 322 -0.68 14.03 2.95
N ASN C 323 -0.16 13.34 1.93
CA ASN C 323 1.09 13.69 1.29
C ASN C 323 0.84 14.07 -0.16
N ARG C 324 1.86 14.62 -0.82
CA ARG C 324 1.69 15.12 -2.17
C ARG C 324 1.47 13.99 -3.16
N VAL C 325 0.62 14.26 -4.15
CA VAL C 325 0.31 13.24 -5.15
C VAL C 325 1.47 13.08 -6.11
N SER C 326 1.73 11.85 -6.53
CA SER C 326 2.85 11.55 -7.40
C SER C 326 2.44 10.93 -8.73
N CYS C 327 1.14 10.72 -8.97
CA CYS C 327 0.68 10.13 -10.21
C CYS C 327 -0.77 10.50 -10.43
N LEU C 328 -1.23 10.34 -11.67
CA LEU C 328 -2.59 10.72 -12.03
C LEU C 328 -2.96 10.05 -13.34
N GLY C 329 -4.24 9.74 -13.50
CA GLY C 329 -4.72 9.13 -14.73
C GLY C 329 -6.23 8.95 -14.78
N VAL C 330 -6.83 9.25 -15.92
CA VAL C 330 -8.28 9.11 -16.08
C VAL C 330 -8.57 7.85 -16.87
N THR C 331 -9.80 7.36 -16.74
CA THR C 331 -10.20 6.12 -17.40
C THR C 331 -10.46 6.36 -18.89
N ASP C 332 -10.28 5.31 -19.67
CA ASP C 332 -10.53 5.41 -21.11
C ASP C 332 -12.00 5.70 -21.40
N ASP C 333 -12.90 5.09 -20.63
CA ASP C 333 -14.31 5.45 -20.71
C ASP C 333 -14.61 6.81 -20.11
N GLY C 334 -13.65 7.42 -19.43
CA GLY C 334 -13.83 8.74 -18.85
C GLY C 334 -14.84 8.80 -17.71
N MET C 335 -14.79 7.85 -16.79
CA MET C 335 -15.70 7.84 -15.65
C MET C 335 -15.02 7.93 -14.29
N ALA C 336 -13.69 7.83 -14.23
CA ALA C 336 -13.02 7.83 -12.93
C ALA C 336 -11.58 8.30 -13.10
N VAL C 337 -11.14 9.13 -12.15
CA VAL C 337 -9.75 9.60 -12.08
C VAL C 337 -9.13 9.03 -10.82
N ALA C 338 -7.92 8.50 -10.95
CA ALA C 338 -7.24 7.83 -9.85
C ALA C 338 -5.95 8.57 -9.53
N THR C 339 -5.71 8.79 -8.23
CA THR C 339 -4.55 9.51 -7.75
C THR C 339 -3.77 8.64 -6.77
N GLY C 340 -2.50 8.98 -6.58
CA GLY C 340 -1.68 8.24 -5.63
C GLY C 340 -0.57 9.06 -5.02
N SER C 341 -0.52 9.10 -3.68
CA SER C 341 0.49 9.85 -2.95
C SER C 341 1.54 8.90 -2.41
N TRP C 342 2.44 9.42 -1.56
CA TRP C 342 3.43 8.58 -0.91
C TRP C 342 2.90 7.91 0.35
N ASP C 343 1.66 8.18 0.75
CA ASP C 343 1.04 7.53 1.89
C ASP C 343 0.45 6.16 1.55
N SER C 344 0.84 5.60 0.40
CA SER C 344 0.50 4.23 0.01
C SER C 344 -1.00 4.03 -0.20
N PHE C 345 -1.75 5.11 -0.47
CA PHE C 345 -3.18 5.02 -0.67
C PHE C 345 -3.55 5.55 -2.04
N LEU C 346 -4.36 4.81 -2.78
CA LEU C 346 -4.89 5.23 -4.06
C LEU C 346 -6.39 5.44 -3.94
N LYS C 347 -6.86 6.58 -4.43
CA LYS C 347 -8.27 6.95 -4.33
C LYS C 347 -8.88 6.98 -5.73
N ILE C 348 -9.96 6.24 -5.92
CA ILE C 348 -10.70 6.23 -7.18
C ILE C 348 -11.87 7.20 -7.02
N TRP C 349 -11.90 8.23 -7.84
CA TRP C 349 -12.92 9.27 -7.76
C TRP C 349 -13.96 9.06 -8.85
N ASN C 350 -14.97 9.91 -8.85
CA ASN C 350 -16.03 9.84 -9.85
C ASN C 350 -16.81 11.15 -9.92
N ALA D 7 36.73 23.45 -32.05
CA ALA D 7 36.80 22.31 -32.97
C ALA D 7 35.40 21.75 -33.22
N SER D 8 34.40 22.31 -32.54
CA SER D 8 33.01 21.86 -32.69
C SER D 8 32.33 22.53 -33.88
N ILE D 9 32.97 22.44 -35.05
CA ILE D 9 32.39 23.01 -36.26
C ILE D 9 31.20 22.18 -36.72
N ALA D 10 31.32 20.85 -36.65
CA ALA D 10 30.24 19.98 -37.10
C ALA D 10 29.00 20.13 -36.22
N GLN D 11 29.20 20.27 -34.91
CA GLN D 11 28.07 20.45 -34.00
C GLN D 11 27.32 21.74 -34.32
N ALA D 12 28.05 22.84 -34.53
CA ALA D 12 27.42 24.10 -34.87
C ALA D 12 26.72 24.02 -36.23
N ARG D 13 27.33 23.31 -37.18
CA ARG D 13 26.69 23.11 -38.47
C ARG D 13 25.38 22.35 -38.33
N LYS D 14 25.37 21.31 -37.49
CA LYS D 14 24.13 20.56 -37.25
C LYS D 14 23.08 21.45 -36.60
N LEU D 15 23.49 22.27 -35.63
CA LEU D 15 22.56 23.17 -34.97
C LEU D 15 21.94 24.16 -35.96
N VAL D 16 22.77 24.78 -36.80
CA VAL D 16 22.24 25.77 -37.74
C VAL D 16 21.39 25.10 -38.81
N GLU D 17 21.75 23.87 -39.20
CA GLU D 17 20.94 23.14 -40.17
C GLU D 17 19.56 22.83 -39.60
N GLN D 18 19.51 22.37 -38.34
CA GLN D 18 18.21 22.11 -37.72
C GLN D 18 17.41 23.40 -37.57
N LEU D 19 18.08 24.50 -37.22
CA LEU D 19 17.39 25.78 -37.09
C LEU D 19 16.76 26.21 -38.41
N LYS D 20 17.52 26.12 -39.50
CA LYS D 20 16.97 26.55 -40.79
C LYS D 20 15.88 25.59 -41.26
N MET D 21 16.03 24.29 -40.99
CA MET D 21 14.98 23.34 -41.36
C MET D 21 13.68 23.64 -40.61
N GLU D 22 13.78 23.97 -39.33
CA GLU D 22 12.59 24.35 -38.58
C GLU D 22 12.04 25.68 -39.07
N ALA D 23 12.91 26.58 -39.54
CA ALA D 23 12.46 27.85 -40.08
C ALA D 23 11.65 27.65 -41.36
N ASN D 24 12.07 26.72 -42.21
CA ASN D 24 11.40 26.52 -43.49
C ASN D 24 9.99 25.96 -43.35
N ILE D 25 9.61 25.45 -42.18
CA ILE D 25 8.26 24.97 -41.99
C ILE D 25 7.29 26.14 -42.01
N ASP D 26 6.03 25.85 -42.34
CA ASP D 26 5.01 26.89 -42.43
C ASP D 26 4.33 27.08 -41.08
N ARG D 27 3.45 28.09 -41.02
CA ARG D 27 2.71 28.41 -39.81
C ARG D 27 1.29 28.82 -40.18
N ILE D 28 0.42 28.81 -39.17
CA ILE D 28 -0.99 29.14 -39.34
C ILE D 28 -1.38 30.16 -38.28
N LYS D 29 -2.48 30.86 -38.53
CA LYS D 29 -2.94 31.90 -37.62
C LYS D 29 -3.43 31.30 -36.31
N VAL D 30 -3.33 32.09 -35.24
CA VAL D 30 -3.76 31.65 -33.92
C VAL D 30 -5.28 31.52 -33.86
N SER D 31 -5.99 32.41 -34.54
CA SER D 31 -7.45 32.38 -34.50
C SER D 31 -7.99 31.06 -35.05
N LYS D 32 -7.40 30.57 -36.13
CA LYS D 32 -7.88 29.31 -36.72
C LYS D 32 -7.69 28.14 -35.75
N ALA D 33 -6.51 28.05 -35.12
CA ALA D 33 -6.27 26.96 -34.19
C ALA D 33 -7.19 27.06 -32.98
N ALA D 34 -7.39 28.27 -32.47
CA ALA D 34 -8.29 28.45 -31.33
C ALA D 34 -9.71 28.04 -31.70
N ALA D 35 -10.16 28.42 -32.88
CA ALA D 35 -11.50 28.01 -33.33
C ALA D 35 -11.61 26.51 -33.45
N ASP D 36 -10.58 25.86 -34.00
CA ASP D 36 -10.62 24.41 -34.13
C ASP D 36 -10.70 23.73 -32.77
N LEU D 37 -9.88 24.19 -31.82
CA LEU D 37 -9.89 23.57 -30.49
C LEU D 37 -11.22 23.79 -29.79
N MET D 38 -11.78 25.00 -29.86
CA MET D 38 -13.06 25.24 -29.20
C MET D 38 -14.18 24.45 -29.85
N ALA D 39 -14.15 24.32 -31.18
CA ALA D 39 -15.18 23.53 -31.86
C ALA D 39 -15.09 22.06 -31.46
N TYR D 40 -13.89 21.51 -31.40
CA TYR D 40 -13.75 20.11 -30.98
C TYR D 40 -14.22 19.93 -29.54
N CYS D 41 -13.88 20.87 -28.66
CA CYS D 41 -14.29 20.75 -27.27
C CYS D 41 -15.81 20.82 -27.14
N GLU D 42 -16.45 21.69 -27.94
CA GLU D 42 -17.91 21.80 -27.88
C GLU D 42 -18.59 20.58 -28.47
N ALA D 43 -17.97 19.93 -29.46
CA ALA D 43 -18.62 18.82 -30.14
C ALA D 43 -18.94 17.68 -29.18
N HIS D 44 -18.02 17.35 -28.29
CA HIS D 44 -18.17 16.23 -27.36
C HIS D 44 -18.57 16.69 -25.97
N ALA D 45 -19.37 17.75 -25.87
CA ALA D 45 -19.71 18.32 -24.56
C ALA D 45 -20.51 17.33 -23.72
N LYS D 46 -21.49 16.67 -24.33
CA LYS D 46 -22.37 15.77 -23.60
C LYS D 46 -21.83 14.35 -23.47
N GLU D 47 -20.67 14.06 -24.07
CA GLU D 47 -20.03 12.77 -23.92
C GLU D 47 -19.01 12.73 -22.79
N ASP D 48 -18.87 13.83 -22.03
CA ASP D 48 -17.95 13.87 -20.91
C ASP D 48 -18.74 13.67 -19.62
N PRO D 49 -18.62 12.52 -18.96
CA PRO D 49 -19.40 12.26 -17.74
C PRO D 49 -18.80 12.81 -16.46
N LEU D 50 -17.83 13.72 -16.54
CA LEU D 50 -17.28 14.37 -15.35
C LEU D 50 -17.89 15.74 -15.09
N LEU D 51 -17.89 16.62 -16.09
CA LEU D 51 -18.48 17.93 -15.90
C LEU D 51 -19.99 17.84 -15.76
N THR D 52 -20.60 16.87 -16.45
CA THR D 52 -22.01 16.55 -16.23
C THR D 52 -22.11 15.44 -15.20
N PRO D 53 -22.82 15.64 -14.09
CA PRO D 53 -22.90 14.59 -13.07
C PRO D 53 -23.61 13.35 -13.60
N VAL D 54 -22.90 12.23 -13.57
CA VAL D 54 -23.46 10.97 -14.07
C VAL D 54 -24.59 10.51 -13.15
N PRO D 55 -25.70 10.00 -13.69
CA PRO D 55 -26.76 9.49 -12.81
C PRO D 55 -26.28 8.31 -11.98
N ALA D 56 -26.85 8.19 -10.78
CA ALA D 56 -26.45 7.12 -9.87
C ALA D 56 -26.81 5.74 -10.41
N SER D 57 -27.88 5.65 -11.19
CA SER D 57 -28.28 4.36 -11.75
C SER D 57 -27.21 3.80 -12.69
N GLU D 58 -26.65 4.67 -13.54
CA GLU D 58 -25.62 4.27 -14.50
C GLU D 58 -24.22 4.61 -14.01
N ASN D 59 -24.00 4.60 -12.70
CA ASN D 59 -22.69 4.90 -12.14
C ASN D 59 -22.02 3.60 -11.73
N PRO D 60 -20.94 3.19 -12.40
CA PRO D 60 -20.28 1.93 -12.03
C PRO D 60 -19.78 1.91 -10.59
N PHE D 61 -19.37 3.06 -10.05
CA PHE D 61 -18.81 3.14 -8.71
C PHE D 61 -19.83 3.58 -7.67
N ARG D 62 -21.10 3.22 -7.85
CA ARG D 62 -22.14 3.57 -6.90
C ARG D 62 -22.12 2.65 -5.70
N ASP E 1 5.98 -29.57 -20.87
CA ASP E 1 4.56 -29.76 -21.13
C ASP E 1 3.84 -30.12 -19.83
N VAL E 2 2.55 -29.81 -19.77
CA VAL E 2 1.76 -30.09 -18.57
C VAL E 2 1.35 -31.56 -18.58
N GLN E 3 1.47 -32.21 -17.42
CA GLN E 3 1.15 -33.63 -17.29
C GLN E 3 0.24 -33.84 -16.08
N LEU E 4 -0.71 -34.76 -16.22
CA LEU E 4 -1.59 -35.14 -15.12
C LEU E 4 -1.90 -36.62 -15.30
N VAL E 5 -1.13 -37.47 -14.63
CA VAL E 5 -1.26 -38.91 -14.76
C VAL E 5 -1.85 -39.48 -13.47
N GLU E 6 -2.89 -40.30 -13.60
CA GLU E 6 -3.56 -40.92 -12.47
C GLU E 6 -3.20 -42.39 -12.37
N SER E 7 -3.30 -42.93 -11.15
CA SER E 7 -3.04 -44.34 -10.91
C SER E 7 -3.72 -44.75 -9.61
N GLY E 8 -3.91 -46.06 -9.46
CA GLY E 8 -4.49 -46.59 -8.25
C GLY E 8 -5.65 -47.53 -8.49
N GLY E 9 -6.36 -47.34 -9.60
CA GLY E 9 -7.55 -48.12 -9.86
C GLY E 9 -7.23 -49.56 -10.22
N GLY E 10 -8.28 -50.39 -10.23
CA GLY E 10 -8.13 -51.79 -10.55
C GLY E 10 -9.37 -52.59 -10.20
N LEU E 11 -9.15 -53.83 -9.78
CA LEU E 11 -10.23 -54.73 -9.41
C LEU E 11 -10.41 -54.71 -7.90
N VAL E 12 -11.63 -54.40 -7.45
CA VAL E 12 -11.94 -54.29 -6.03
C VAL E 12 -13.20 -55.09 -5.75
N GLN E 13 -13.12 -56.03 -4.82
CA GLN E 13 -14.30 -56.78 -4.40
C GLN E 13 -15.18 -55.91 -3.52
N PRO E 14 -16.50 -56.17 -3.51
CA PRO E 14 -17.40 -55.34 -2.68
C PRO E 14 -17.00 -55.39 -1.22
N GLY E 15 -17.12 -54.24 -0.55
CA GLY E 15 -16.72 -54.11 0.83
C GLY E 15 -15.25 -53.84 1.05
N GLY E 16 -14.47 -53.67 0.00
CA GLY E 16 -13.06 -53.39 0.11
C GLY E 16 -12.75 -51.91 0.17
N SER E 17 -11.50 -51.58 -0.12
CA SER E 17 -11.05 -50.19 -0.13
C SER E 17 -9.91 -50.04 -1.12
N ARG E 18 -9.69 -48.81 -1.56
CA ARG E 18 -8.63 -48.52 -2.52
C ARG E 18 -8.27 -47.04 -2.42
N LYS E 19 -7.06 -46.72 -2.89
CA LYS E 19 -6.54 -45.36 -2.86
C LYS E 19 -6.07 -44.97 -4.26
N LEU E 20 -6.35 -43.73 -4.65
CA LEU E 20 -5.99 -43.22 -5.96
C LEU E 20 -5.07 -42.01 -5.82
N SER E 21 -4.26 -41.79 -6.86
CA SER E 21 -3.35 -40.65 -6.90
C SER E 21 -3.21 -40.19 -8.34
N CYS E 22 -3.35 -38.89 -8.56
CA CYS E 22 -3.27 -38.31 -9.90
C CYS E 22 -2.12 -37.30 -9.85
N SER E 23 -0.89 -37.79 -10.07
CA SER E 23 0.29 -36.98 -9.88
C SER E 23 0.39 -35.87 -10.92
N ALA E 24 0.81 -34.69 -10.48
CA ALA E 24 0.92 -33.52 -11.34
C ALA E 24 2.38 -33.12 -11.51
N SER E 25 2.73 -32.65 -12.71
CA SER E 25 4.08 -32.20 -12.99
C SER E 25 4.04 -31.28 -14.20
N GLY E 26 4.93 -30.29 -14.20
CA GLY E 26 5.07 -29.38 -15.32
C GLY E 26 4.44 -28.02 -15.16
N PHE E 27 3.91 -27.68 -14.00
CA PHE E 27 3.31 -26.37 -13.78
C PHE E 27 3.32 -26.08 -12.28
N ALA E 28 2.74 -24.93 -11.92
CA ALA E 28 2.69 -24.49 -10.52
C ALA E 28 1.45 -25.09 -9.87
N PHE E 29 1.65 -26.16 -9.11
CA PHE E 29 0.55 -26.88 -8.50
C PHE E 29 -0.07 -26.14 -7.32
N SER E 30 0.68 -25.23 -6.68
CA SER E 30 0.22 -24.64 -5.44
C SER E 30 -1.03 -23.77 -5.64
N SER E 31 -1.09 -23.02 -6.73
CA SER E 31 -2.13 -22.04 -6.94
C SER E 31 -3.35 -22.58 -7.68
N PHE E 32 -3.36 -23.86 -8.04
CA PHE E 32 -4.44 -24.43 -8.82
C PHE E 32 -5.40 -25.21 -7.93
N GLY E 33 -6.62 -25.40 -8.43
CA GLY E 33 -7.58 -26.29 -7.82
C GLY E 33 -7.39 -27.73 -8.27
N MET E 34 -8.35 -28.56 -7.90
CA MET E 34 -8.32 -29.96 -8.33
C MET E 34 -9.71 -30.55 -8.18
N HIS E 35 -10.13 -31.31 -9.17
CA HIS E 35 -11.40 -32.02 -9.16
C HIS E 35 -11.17 -33.49 -9.47
N TRP E 36 -12.21 -34.29 -9.28
CA TRP E 36 -12.24 -35.66 -9.77
C TRP E 36 -13.54 -35.83 -10.54
N VAL E 37 -13.45 -36.37 -11.74
CA VAL E 37 -14.60 -36.51 -12.64
C VAL E 37 -14.75 -37.97 -13.02
N ARG E 38 -15.97 -38.49 -12.92
CA ARG E 38 -16.28 -39.89 -13.15
C ARG E 38 -17.17 -40.05 -14.37
N GLN E 39 -16.83 -41.02 -15.21
CA GLN E 39 -17.66 -41.37 -16.36
C GLN E 39 -17.95 -42.86 -16.33
N ALA E 40 -19.24 -43.21 -16.39
CA ALA E 40 -19.65 -44.60 -16.37
C ALA E 40 -19.15 -45.32 -17.62
N PRO E 41 -19.05 -46.65 -17.59
CA PRO E 41 -18.51 -47.38 -18.75
C PRO E 41 -19.28 -47.13 -20.04
N GLU E 42 -20.59 -46.91 -19.97
CA GLU E 42 -21.40 -46.67 -21.16
C GLU E 42 -22.40 -45.54 -20.91
N LYS E 43 -21.94 -44.45 -20.29
CA LYS E 43 -22.81 -43.32 -20.00
C LYS E 43 -21.96 -42.05 -19.98
N GLY E 44 -22.61 -40.93 -19.64
CA GLY E 44 -21.94 -39.65 -19.64
C GLY E 44 -21.11 -39.40 -18.40
N LEU E 45 -20.33 -38.31 -18.45
CA LEU E 45 -19.44 -37.96 -17.36
C LEU E 45 -20.24 -37.43 -16.16
N GLU E 46 -19.68 -37.64 -14.97
CA GLU E 46 -20.31 -37.21 -13.73
C GLU E 46 -19.25 -36.62 -12.80
N TRP E 47 -19.70 -35.74 -11.92
CA TRP E 47 -18.85 -35.01 -10.99
C TRP E 47 -18.85 -35.69 -9.62
N VAL E 48 -17.71 -35.64 -8.94
CA VAL E 48 -17.56 -36.37 -7.69
C VAL E 48 -17.15 -35.46 -6.53
N ALA E 49 -16.00 -34.80 -6.65
CA ALA E 49 -15.39 -34.12 -5.51
C ALA E 49 -14.88 -32.74 -5.95
N TYR E 50 -14.14 -32.08 -5.05
CA TYR E 50 -13.52 -30.79 -5.29
C TYR E 50 -12.62 -30.46 -4.11
N ILE E 51 -11.53 -29.74 -4.35
CA ILE E 51 -10.67 -29.25 -3.30
C ILE E 51 -10.04 -27.95 -3.75
N SER E 52 -9.95 -26.98 -2.84
CA SER E 52 -9.49 -25.64 -3.16
C SER E 52 -7.96 -25.60 -3.22
N SER E 53 -7.40 -24.40 -3.30
CA SER E 53 -5.95 -24.21 -3.31
C SER E 53 -5.47 -23.97 -1.89
N GLY E 54 -4.54 -24.80 -1.43
CA GLY E 54 -4.12 -24.77 -0.05
C GLY E 54 -5.02 -25.54 0.89
N SER E 55 -5.91 -26.38 0.36
CA SER E 55 -6.85 -27.17 1.16
C SER E 55 -7.78 -26.30 2.00
N GLY E 56 -8.05 -25.08 1.52
CA GLY E 56 -8.92 -24.19 2.27
C GLY E 56 -10.36 -24.65 2.33
N THR E 57 -10.88 -25.16 1.22
CA THR E 57 -12.28 -25.53 1.11
C THR E 57 -12.42 -26.86 0.37
N ILE E 58 -13.41 -27.64 0.78
CA ILE E 58 -13.75 -28.90 0.14
C ILE E 58 -15.25 -28.92 -0.14
N TYR E 59 -15.63 -29.64 -1.20
CA TYR E 59 -17.04 -29.86 -1.53
C TYR E 59 -17.23 -31.33 -1.88
N TYR E 60 -18.48 -31.76 -1.89
CA TYR E 60 -18.80 -33.16 -2.15
C TYR E 60 -20.16 -33.25 -2.82
N ALA E 61 -20.42 -34.42 -3.41
CA ALA E 61 -21.71 -34.71 -4.03
C ALA E 61 -22.65 -35.33 -2.99
N ASP E 62 -23.87 -35.63 -3.42
CA ASP E 62 -24.84 -36.22 -2.50
C ASP E 62 -24.62 -37.71 -2.34
N THR E 63 -24.47 -38.44 -3.44
CA THR E 63 -24.35 -39.90 -3.38
C THR E 63 -23.00 -40.37 -2.85
N VAL E 64 -22.04 -39.46 -2.68
CA VAL E 64 -20.71 -39.83 -2.22
C VAL E 64 -20.35 -39.17 -0.89
N LYS E 65 -21.24 -38.37 -0.32
CA LYS E 65 -20.94 -37.69 0.93
C LYS E 65 -20.82 -38.70 2.07
N GLY E 66 -19.72 -38.61 2.81
CA GLY E 66 -19.48 -39.50 3.93
C GLY E 66 -18.82 -40.83 3.57
N ARG E 67 -18.51 -41.07 2.30
CA ARG E 67 -17.89 -42.31 1.90
C ARG E 67 -16.55 -42.16 1.18
N PHE E 68 -16.22 -40.95 0.69
CA PHE E 68 -14.97 -40.70 0.01
C PHE E 68 -14.18 -39.63 0.76
N THR E 69 -12.85 -39.72 0.68
CA THR E 69 -11.96 -38.75 1.31
C THR E 69 -10.94 -38.26 0.29
N ILE E 70 -10.67 -36.95 0.31
CA ILE E 70 -9.81 -36.30 -0.67
C ILE E 70 -8.68 -35.59 0.07
N SER E 71 -7.46 -35.73 -0.42
CA SER E 71 -6.30 -35.16 0.22
C SER E 71 -5.31 -34.63 -0.81
N ARG E 72 -4.54 -33.61 -0.41
CA ARG E 72 -3.55 -32.99 -1.27
C ARG E 72 -2.23 -32.89 -0.51
N ASP E 73 -1.12 -33.05 -1.24
CA ASP E 73 0.23 -32.90 -0.68
C ASP E 73 0.99 -31.94 -1.59
N ASP E 74 1.14 -30.68 -1.14
CA ASP E 74 1.78 -29.66 -1.97
C ASP E 74 3.23 -29.97 -2.31
N PRO E 75 4.11 -30.36 -1.37
CA PRO E 75 5.51 -30.62 -1.75
C PRO E 75 5.66 -31.67 -2.85
N LYS E 76 4.84 -32.72 -2.82
CA LYS E 76 4.89 -33.74 -3.86
C LYS E 76 3.97 -33.45 -5.04
N ASN E 77 3.07 -32.46 -4.90
CA ASN E 77 2.14 -32.06 -5.95
C ASN E 77 1.29 -33.25 -6.42
N THR E 78 0.58 -33.86 -5.47
CA THR E 78 -0.26 -35.01 -5.74
C THR E 78 -1.64 -34.82 -5.11
N LEU E 79 -2.63 -35.47 -5.70
CA LEU E 79 -3.99 -35.47 -5.19
C LEU E 79 -4.38 -36.90 -4.81
N PHE E 80 -5.06 -37.05 -3.68
CA PHE E 80 -5.41 -38.36 -3.14
C PHE E 80 -6.92 -38.50 -3.06
N LEU E 81 -7.40 -39.72 -3.32
CA LEU E 81 -8.80 -40.07 -3.13
C LEU E 81 -8.89 -41.40 -2.38
N GLN E 82 -9.73 -41.44 -1.34
CA GLN E 82 -9.88 -42.62 -0.50
C GLN E 82 -11.22 -43.28 -0.80
N MET E 83 -11.17 -44.48 -1.35
CA MET E 83 -12.38 -45.26 -1.67
C MET E 83 -12.69 -46.16 -0.49
N THR E 84 -13.69 -45.78 0.29
CA THR E 84 -14.12 -46.56 1.46
C THR E 84 -15.53 -47.09 1.22
N SER E 85 -15.69 -48.40 1.42
CA SER E 85 -16.99 -49.07 1.29
C SER E 85 -17.58 -48.86 -0.10
N LEU E 86 -16.88 -49.41 -1.10
CA LEU E 86 -17.32 -49.30 -2.48
C LEU E 86 -18.58 -50.15 -2.69
N ARG E 87 -19.59 -49.54 -3.32
CA ARG E 87 -20.84 -50.23 -3.57
C ARG E 87 -20.72 -51.09 -4.82
N SER E 88 -21.85 -51.62 -5.30
CA SER E 88 -21.89 -52.46 -6.48
C SER E 88 -22.14 -51.69 -7.77
N GLU E 89 -22.36 -50.38 -7.69
CA GLU E 89 -22.67 -49.55 -8.84
C GLU E 89 -21.75 -48.34 -8.91
N ASP E 90 -20.44 -48.57 -8.77
CA ASP E 90 -19.46 -47.48 -8.73
C ASP E 90 -18.30 -47.67 -9.69
N THR E 91 -18.38 -48.64 -10.60
CA THR E 91 -17.31 -48.83 -11.57
C THR E 91 -17.40 -47.77 -12.67
N ALA E 92 -16.28 -47.12 -12.96
CA ALA E 92 -16.23 -45.99 -13.88
C ALA E 92 -14.78 -45.67 -14.20
N MET E 93 -14.56 -44.53 -14.86
CA MET E 93 -13.23 -43.97 -15.09
C MET E 93 -13.10 -42.65 -14.35
N TYR E 94 -11.89 -42.33 -13.90
CA TYR E 94 -11.64 -41.15 -13.09
C TYR E 94 -10.49 -40.33 -13.67
N TYR E 95 -10.68 -39.01 -13.70
CA TYR E 95 -9.68 -38.05 -14.16
C TYR E 95 -9.46 -37.00 -13.08
N CYS E 96 -8.45 -36.15 -13.29
CA CYS E 96 -8.26 -34.98 -12.44
C CYS E 96 -7.97 -33.79 -13.33
N VAL E 97 -8.48 -32.61 -12.95
CA VAL E 97 -8.48 -31.45 -13.84
C VAL E 97 -7.97 -30.21 -13.09
N ARG E 98 -7.62 -29.19 -13.87
CA ARG E 98 -7.07 -27.94 -13.36
C ARG E 98 -8.16 -26.88 -13.31
N SER E 99 -8.27 -26.17 -12.19
CA SER E 99 -9.42 -25.31 -11.96
C SER E 99 -9.03 -23.97 -11.32
N ILE E 100 -8.06 -23.26 -11.91
CA ILE E 100 -7.69 -21.96 -11.37
C ILE E 100 -8.80 -20.95 -11.59
N TYR E 101 -9.06 -20.11 -10.58
CA TYR E 101 -10.06 -19.05 -10.67
C TYR E 101 -9.45 -17.69 -10.35
N TYR E 102 -9.69 -16.72 -11.23
CA TYR E 102 -9.57 -15.30 -10.93
C TYR E 102 -10.36 -14.56 -12.01
N TYR E 103 -10.22 -13.24 -12.05
CA TYR E 103 -10.96 -12.44 -13.02
C TYR E 103 -10.43 -12.72 -14.43
N GLY E 104 -11.28 -13.29 -15.28
CA GLY E 104 -10.90 -13.58 -16.65
C GLY E 104 -10.16 -14.88 -16.85
N SER E 105 -10.20 -15.78 -15.88
CA SER E 105 -9.49 -17.05 -15.98
C SER E 105 -10.26 -18.04 -16.83
N SER E 106 -9.59 -19.14 -17.17
CA SER E 106 -10.18 -20.22 -17.97
C SER E 106 -10.04 -21.53 -17.21
N PRO E 107 -11.04 -21.92 -16.43
CA PRO E 107 -10.95 -23.17 -15.67
C PRO E 107 -11.09 -24.39 -16.57
N PHE E 108 -10.78 -25.55 -16.00
CA PHE E 108 -10.95 -26.84 -16.67
C PHE E 108 -10.15 -26.93 -17.96
N ASP E 109 -9.05 -26.19 -18.04
CA ASP E 109 -8.31 -26.12 -19.31
C ASP E 109 -7.66 -27.46 -19.66
N PHE E 110 -7.18 -28.21 -18.68
CA PHE E 110 -6.47 -29.44 -18.93
C PHE E 110 -7.11 -30.60 -18.20
N TRP E 111 -7.08 -31.77 -18.82
CA TRP E 111 -7.67 -32.99 -18.28
C TRP E 111 -6.64 -34.10 -18.25
N GLY E 112 -6.79 -35.00 -17.28
CA GLY E 112 -5.89 -36.12 -17.16
C GLY E 112 -6.19 -37.21 -18.16
N GLN E 113 -5.41 -38.30 -18.07
CA GLN E 113 -5.58 -39.41 -19.00
C GLN E 113 -6.66 -40.37 -18.53
N GLY E 114 -6.67 -40.70 -17.24
CA GLY E 114 -7.74 -41.49 -16.67
C GLY E 114 -7.38 -42.91 -16.28
N THR E 115 -8.08 -43.43 -15.26
CA THR E 115 -7.92 -44.81 -14.80
C THR E 115 -9.29 -45.45 -14.62
N THR E 116 -9.34 -46.76 -14.80
CA THR E 116 -10.58 -47.52 -14.73
C THR E 116 -10.67 -48.25 -13.40
N LEU E 117 -11.83 -48.16 -12.75
CA LEU E 117 -12.12 -48.86 -11.51
C LEU E 117 -13.08 -49.99 -11.79
N THR E 118 -12.73 -51.19 -11.35
CA THR E 118 -13.55 -52.38 -11.57
C THR E 118 -14.06 -52.91 -10.24
N VAL E 119 -15.38 -53.10 -10.15
CA VAL E 119 -16.01 -53.65 -8.96
C VAL E 119 -16.61 -55.01 -9.32
N SER E 120 -16.65 -55.90 -8.34
CA SER E 120 -17.18 -57.24 -8.55
C SER E 120 -18.67 -57.26 -8.21
N SER E 121 -19.25 -58.46 -8.17
CA SER E 121 -20.66 -58.62 -7.86
C SER E 121 -20.85 -59.18 -6.46
N SER E 136 -33.95 -28.96 -6.13
CA SER E 136 -33.46 -27.61 -6.43
C SER E 136 -32.21 -27.68 -7.29
N ASP E 137 -31.76 -28.89 -7.60
CA ASP E 137 -30.56 -29.06 -8.41
C ASP E 137 -30.84 -28.70 -9.86
N ILE E 138 -29.84 -28.12 -10.52
CA ILE E 138 -29.94 -27.77 -11.92
C ILE E 138 -29.79 -29.02 -12.77
N VAL E 139 -30.70 -29.21 -13.72
CA VAL E 139 -30.73 -30.39 -14.57
C VAL E 139 -30.53 -29.95 -16.02
N MET E 140 -29.58 -30.57 -16.70
CA MET E 140 -29.27 -30.27 -18.09
C MET E 140 -29.56 -31.49 -18.96
N THR E 141 -30.18 -31.25 -20.11
CA THR E 141 -30.58 -32.31 -21.02
C THR E 141 -30.18 -31.96 -22.44
N GLN E 142 -30.02 -33.00 -23.25
CA GLN E 142 -29.71 -32.86 -24.67
C GLN E 142 -30.81 -33.54 -25.46
N ALA E 143 -31.43 -32.79 -26.38
CA ALA E 143 -32.63 -33.28 -27.06
C ALA E 143 -32.33 -34.50 -27.92
N THR E 144 -31.31 -34.40 -28.77
CA THR E 144 -30.96 -35.47 -29.69
C THR E 144 -29.79 -36.28 -29.15
N SER E 145 -29.53 -37.41 -29.81
CA SER E 145 -28.43 -38.29 -29.45
C SER E 145 -27.40 -38.47 -30.55
N SER E 146 -27.83 -38.76 -31.77
CA SER E 146 -26.90 -38.97 -32.87
C SER E 146 -27.48 -38.34 -34.13
N VAL E 147 -26.67 -37.53 -34.81
CA VAL E 147 -27.09 -36.88 -36.04
C VAL E 147 -26.06 -37.13 -37.14
N PRO E 148 -26.48 -37.41 -38.37
CA PRO E 148 -25.51 -37.55 -39.46
C PRO E 148 -25.21 -36.22 -40.12
N VAL E 149 -23.93 -35.87 -40.24
CA VAL E 149 -23.52 -34.58 -40.77
C VAL E 149 -22.63 -34.82 -41.99
N THR E 150 -22.93 -34.12 -43.08
CA THR E 150 -22.07 -34.22 -44.25
C THR E 150 -20.88 -33.27 -44.13
N PRO E 151 -19.70 -33.68 -44.61
CA PRO E 151 -18.53 -32.81 -44.52
C PRO E 151 -18.72 -31.52 -45.31
N GLY E 152 -18.16 -30.44 -44.80
CA GLY E 152 -18.25 -29.15 -45.46
C GLY E 152 -19.54 -28.39 -45.23
N GLU E 153 -20.40 -28.88 -44.35
CA GLU E 153 -21.67 -28.22 -44.07
C GLU E 153 -21.58 -27.43 -42.76
N SER E 154 -22.71 -26.88 -42.34
CA SER E 154 -22.82 -26.13 -41.10
C SER E 154 -23.96 -26.70 -40.28
N VAL E 155 -23.67 -27.10 -39.04
CA VAL E 155 -24.66 -27.72 -38.16
C VAL E 155 -24.67 -26.99 -36.82
N SER E 156 -25.75 -27.21 -36.07
CA SER E 156 -25.94 -26.58 -34.78
C SER E 156 -26.46 -27.61 -33.79
N ILE E 157 -26.23 -27.34 -32.51
CA ILE E 157 -26.63 -28.22 -31.42
C ILE E 157 -27.38 -27.42 -30.39
N SER E 158 -28.12 -28.13 -29.54
CA SER E 158 -28.92 -27.53 -28.48
C SER E 158 -28.61 -28.18 -27.14
N CYS E 159 -28.76 -27.40 -26.08
CA CYS E 159 -28.57 -27.91 -24.72
C CYS E 159 -29.39 -27.02 -23.80
N ARG E 160 -30.58 -27.49 -23.42
CA ARG E 160 -31.52 -26.69 -22.65
C ARG E 160 -31.40 -27.02 -21.16
N SER E 161 -31.34 -25.98 -20.34
CA SER E 161 -31.26 -26.12 -18.90
C SER E 161 -32.64 -25.93 -18.29
N SER E 162 -32.71 -25.93 -16.96
CA SER E 162 -33.97 -25.79 -16.24
C SER E 162 -34.09 -24.47 -15.48
N LYS E 163 -33.04 -23.65 -15.46
CA LYS E 163 -33.06 -22.39 -14.74
C LYS E 163 -32.18 -21.39 -15.46
N SER E 164 -32.50 -20.11 -15.31
CA SER E 164 -31.73 -19.04 -15.92
C SER E 164 -30.34 -18.98 -15.29
N LEU E 165 -29.30 -19.06 -16.12
CA LEU E 165 -27.92 -19.07 -15.65
C LEU E 165 -27.29 -17.68 -15.67
N LEU E 166 -28.10 -16.62 -15.71
CA LEU E 166 -27.59 -15.26 -15.77
C LEU E 166 -27.42 -14.73 -14.35
N HIS E 167 -26.17 -14.65 -13.90
CA HIS E 167 -25.88 -14.15 -12.56
C HIS E 167 -26.07 -12.63 -12.51
N SER E 168 -25.96 -12.09 -11.30
CA SER E 168 -26.16 -10.65 -11.11
C SER E 168 -25.00 -9.84 -11.68
N ASN E 169 -23.80 -10.42 -11.73
CA ASN E 169 -22.64 -9.68 -12.20
C ASN E 169 -22.67 -9.37 -13.69
N GLY E 170 -23.57 -10.01 -14.44
CA GLY E 170 -23.79 -9.68 -15.85
C GLY E 170 -23.50 -10.83 -16.80
N ASN E 171 -22.56 -11.70 -16.44
CA ASN E 171 -22.13 -12.78 -17.32
C ASN E 171 -22.65 -14.13 -16.81
N THR E 172 -22.89 -15.04 -17.74
CA THR E 172 -23.43 -16.35 -17.44
C THR E 172 -22.34 -17.43 -17.55
N TYR E 173 -22.62 -18.57 -16.94
CA TYR E 173 -21.64 -19.64 -16.77
C TYR E 173 -22.12 -20.90 -17.48
N LEU E 174 -21.68 -21.10 -18.72
CA LEU E 174 -21.98 -22.30 -19.48
C LEU E 174 -20.76 -22.69 -20.29
N TYR E 175 -20.27 -23.91 -20.07
CA TYR E 175 -19.04 -24.38 -20.70
C TYR E 175 -19.38 -25.51 -21.65
N TRP E 176 -18.63 -25.62 -22.75
CA TRP E 176 -18.87 -26.65 -23.76
C TRP E 176 -17.65 -27.54 -23.86
N PHE E 177 -17.87 -28.85 -23.79
CA PHE E 177 -16.81 -29.84 -23.82
C PHE E 177 -17.00 -30.78 -25.00
N LEU E 178 -15.89 -31.18 -25.61
CA LEU E 178 -15.90 -32.10 -26.74
C LEU E 178 -14.98 -33.27 -26.44
N GLN E 179 -15.47 -34.49 -26.66
CA GLN E 179 -14.70 -35.71 -26.44
C GLN E 179 -14.66 -36.50 -27.73
N ARG E 180 -13.50 -36.52 -28.38
CA ARG E 180 -13.31 -37.38 -29.53
C ARG E 180 -13.25 -38.83 -29.09
N PRO E 181 -13.66 -39.77 -29.95
CA PRO E 181 -13.67 -41.18 -29.54
C PRO E 181 -12.28 -41.75 -29.34
N GLY E 182 -11.90 -42.01 -28.10
CA GLY E 182 -10.62 -42.63 -27.82
C GLY E 182 -9.85 -42.01 -26.67
N GLN E 183 -9.99 -40.71 -26.46
CA GLN E 183 -9.18 -40.03 -25.45
C GLN E 183 -10.00 -39.13 -24.54
N SER E 184 -9.31 -38.39 -23.67
CA SER E 184 -9.96 -37.54 -22.70
C SER E 184 -10.58 -36.32 -23.37
N PRO E 185 -11.56 -35.70 -22.73
CA PRO E 185 -12.20 -34.52 -23.32
C PRO E 185 -11.26 -33.33 -23.35
N GLN E 186 -11.65 -32.33 -24.15
CA GLN E 186 -10.92 -31.07 -24.25
C GLN E 186 -11.90 -29.92 -24.14
N LEU E 187 -11.42 -28.79 -23.62
CA LEU E 187 -12.26 -27.61 -23.48
C LEU E 187 -12.40 -26.89 -24.81
N LEU E 188 -13.61 -26.42 -25.09
CA LEU E 188 -13.90 -25.69 -26.32
C LEU E 188 -14.26 -24.23 -26.07
N ILE E 189 -15.25 -23.98 -25.21
CA ILE E 189 -15.76 -22.64 -24.97
C ILE E 189 -16.02 -22.50 -23.48
N TYR E 190 -15.61 -21.37 -22.90
CA TYR E 190 -15.93 -21.07 -21.51
C TYR E 190 -16.73 -19.78 -21.44
N ARG E 191 -17.74 -19.77 -20.57
CA ARG E 191 -18.69 -18.66 -20.45
C ARG E 191 -19.42 -18.38 -21.77
N MET E 192 -19.63 -19.45 -22.54
CA MET E 192 -20.55 -19.50 -23.69
C MET E 192 -20.20 -18.54 -24.82
N SER E 193 -19.12 -17.76 -24.68
CA SER E 193 -18.76 -16.82 -25.74
C SER E 193 -17.28 -16.77 -26.05
N ASN E 194 -16.41 -17.37 -25.26
CA ASN E 194 -14.97 -17.20 -25.39
C ASN E 194 -14.31 -18.46 -25.92
N LEU E 195 -13.42 -18.28 -26.88
CA LEU E 195 -12.70 -19.39 -27.49
C LEU E 195 -11.49 -19.75 -26.63
N ALA E 196 -11.31 -21.05 -26.38
CA ALA E 196 -10.13 -21.51 -25.67
C ALA E 196 -8.91 -21.43 -26.56
N SER E 197 -7.74 -21.46 -25.92
CA SER E 197 -6.48 -21.42 -26.68
C SER E 197 -6.29 -22.72 -27.46
N GLY E 198 -5.85 -22.58 -28.70
CA GLY E 198 -5.62 -23.73 -29.55
C GLY E 198 -6.83 -24.28 -30.25
N VAL E 199 -7.94 -23.55 -30.26
CA VAL E 199 -9.19 -23.98 -30.90
C VAL E 199 -9.40 -23.15 -32.16
N PRO E 200 -9.69 -23.78 -33.30
CA PRO E 200 -9.90 -23.01 -34.53
C PRO E 200 -11.13 -22.12 -34.42
N ASP E 201 -11.11 -21.04 -35.21
CA ASP E 201 -12.11 -19.98 -35.12
C ASP E 201 -13.43 -20.34 -35.79
N ARG E 202 -13.67 -21.61 -36.12
CA ARG E 202 -14.92 -22.01 -36.75
C ARG E 202 -16.02 -22.36 -35.75
N PHE E 203 -15.71 -22.43 -34.46
CA PHE E 203 -16.72 -22.69 -33.44
C PHE E 203 -17.29 -21.37 -32.91
N SER E 204 -18.54 -21.42 -32.47
CA SER E 204 -19.23 -20.23 -32.02
C SER E 204 -20.20 -20.59 -30.90
N GLY E 205 -20.55 -19.59 -30.11
CA GLY E 205 -21.49 -19.78 -29.02
C GLY E 205 -22.54 -18.69 -29.00
N SER E 206 -23.79 -19.10 -28.77
CA SER E 206 -24.89 -18.16 -28.76
C SER E 206 -25.97 -18.67 -27.82
N GLY E 207 -26.83 -17.76 -27.38
CA GLY E 207 -27.91 -18.11 -26.46
C GLY E 207 -28.10 -17.09 -25.37
N SER E 208 -29.24 -17.16 -24.67
CA SER E 208 -29.53 -16.19 -23.62
C SER E 208 -30.54 -16.80 -22.65
N GLY E 209 -30.21 -16.79 -21.37
CA GLY E 209 -31.11 -17.24 -20.33
C GLY E 209 -31.14 -18.73 -20.11
N THR E 210 -31.85 -19.46 -20.99
CA THR E 210 -31.97 -20.90 -20.85
C THR E 210 -31.66 -21.62 -22.16
N ALA E 211 -31.98 -20.99 -23.29
CA ALA E 211 -31.82 -21.61 -24.60
C ALA E 211 -30.39 -21.40 -25.08
N PHE E 212 -29.59 -22.47 -25.04
CA PHE E 212 -28.18 -22.40 -25.37
C PHE E 212 -27.93 -23.22 -26.64
N THR E 213 -26.89 -22.84 -27.38
CA THR E 213 -26.58 -23.49 -28.64
C THR E 213 -25.11 -23.32 -28.98
N LEU E 214 -24.62 -24.20 -29.85
CA LEU E 214 -23.28 -24.13 -30.39
C LEU E 214 -23.37 -24.24 -31.91
N THR E 215 -22.65 -23.37 -32.61
CA THR E 215 -22.68 -23.31 -34.06
C THR E 215 -21.30 -23.64 -34.61
N ILE E 216 -21.25 -24.55 -35.58
CA ILE E 216 -20.01 -24.91 -36.25
C ILE E 216 -20.26 -24.97 -37.75
N SER E 217 -19.33 -24.43 -38.53
CA SER E 217 -19.41 -24.46 -39.98
C SER E 217 -18.06 -24.88 -40.56
N ARG E 218 -18.10 -25.37 -41.80
CA ARG E 218 -16.91 -25.85 -42.50
C ARG E 218 -16.24 -27.00 -41.73
N LEU E 219 -16.99 -28.10 -41.64
CA LEU E 219 -16.59 -29.24 -40.83
C LEU E 219 -15.29 -29.86 -41.37
N GLU E 220 -14.74 -30.77 -40.58
CA GLU E 220 -13.61 -31.60 -40.99
C GLU E 220 -13.78 -32.99 -40.42
N ALA E 221 -12.80 -33.85 -40.69
CA ALA E 221 -12.85 -35.23 -40.20
C ALA E 221 -12.56 -35.34 -38.72
N GLU E 222 -11.87 -34.36 -38.14
CA GLU E 222 -11.44 -34.44 -36.75
C GLU E 222 -12.51 -34.00 -35.75
N ASP E 223 -13.67 -33.59 -36.22
CA ASP E 223 -14.73 -33.11 -35.35
C ASP E 223 -15.71 -34.21 -34.93
N VAL E 224 -15.45 -35.47 -35.31
CA VAL E 224 -16.30 -36.57 -34.91
C VAL E 224 -16.11 -36.85 -33.42
N GLY E 225 -17.22 -36.99 -32.70
CA GLY E 225 -17.15 -37.22 -31.27
C GLY E 225 -18.48 -36.92 -30.60
N VAL E 226 -18.41 -36.69 -29.29
CA VAL E 226 -19.59 -36.43 -28.47
C VAL E 226 -19.38 -35.11 -27.74
N TYR E 227 -20.45 -34.32 -27.64
CA TYR E 227 -20.39 -32.99 -27.05
C TYR E 227 -21.20 -32.95 -25.76
N TYR E 228 -20.56 -32.55 -24.67
CA TYR E 228 -21.20 -32.44 -23.37
C TYR E 228 -21.21 -30.98 -22.94
N CYS E 229 -22.37 -30.52 -22.48
CA CYS E 229 -22.52 -29.17 -21.94
C CYS E 229 -22.58 -29.25 -20.42
N MET E 230 -21.81 -28.41 -19.74
CA MET E 230 -21.70 -28.40 -18.30
C MET E 230 -22.29 -27.11 -17.73
N GLN E 231 -22.24 -26.99 -16.40
CA GLN E 231 -22.70 -25.81 -15.70
C GLN E 231 -21.78 -25.54 -14.52
N HIS E 232 -21.68 -24.27 -14.14
CA HIS E 232 -20.80 -23.90 -13.03
C HIS E 232 -21.41 -22.80 -12.15
N LEU E 233 -22.73 -22.63 -12.18
CA LEU E 233 -23.34 -21.55 -11.40
C LEU E 233 -23.26 -21.83 -9.91
N GLU E 234 -23.63 -23.03 -9.48
CA GLU E 234 -23.65 -23.37 -8.07
C GLU E 234 -23.46 -24.87 -7.89
N TYR E 235 -22.81 -25.24 -6.79
CA TYR E 235 -22.56 -26.64 -6.51
C TYR E 235 -23.85 -27.34 -6.13
N PRO E 236 -24.06 -28.59 -6.57
CA PRO E 236 -23.19 -29.43 -7.40
C PRO E 236 -23.28 -29.10 -8.89
N LEU E 237 -22.34 -29.60 -9.70
CA LEU E 237 -22.30 -29.32 -11.12
C LEU E 237 -22.84 -30.53 -11.89
N THR E 238 -23.72 -30.27 -12.85
CA THR E 238 -24.39 -31.33 -13.60
C THR E 238 -24.02 -31.23 -15.08
N PHE E 239 -23.65 -32.36 -15.67
CA PHE E 239 -23.29 -32.41 -17.08
C PHE E 239 -24.53 -32.74 -17.92
N GLY E 240 -24.31 -33.07 -19.19
CA GLY E 240 -25.38 -33.43 -20.09
C GLY E 240 -25.24 -34.86 -20.57
N ALA E 241 -26.26 -35.33 -21.29
CA ALA E 241 -26.30 -36.72 -21.75
C ALA E 241 -25.20 -36.99 -22.77
N GLY E 242 -25.08 -36.16 -23.79
CA GLY E 242 -24.07 -36.35 -24.81
C GLY E 242 -24.62 -36.66 -26.19
N THR E 243 -24.30 -35.84 -27.17
CA THR E 243 -24.78 -35.99 -28.53
C THR E 243 -23.64 -36.48 -29.42
N LYS E 244 -23.89 -37.55 -30.17
CA LYS E 244 -22.90 -38.11 -31.07
C LYS E 244 -23.05 -37.53 -32.46
N LEU E 245 -21.91 -37.34 -33.13
CA LEU E 245 -21.86 -36.89 -34.52
C LEU E 245 -21.15 -37.93 -35.35
N GLU E 246 -21.73 -38.27 -36.50
CA GLU E 246 -21.15 -39.27 -37.39
C GLU E 246 -21.11 -38.73 -38.81
N LEU E 247 -20.14 -39.21 -39.58
CA LEU E 247 -19.98 -38.77 -40.96
C LEU E 247 -21.12 -39.29 -41.83
N LYS E 248 -21.41 -38.54 -42.89
CA LYS E 248 -22.47 -38.88 -43.84
C LYS E 248 -23.82 -39.06 -43.15
N SER F 2 -23.70 -9.71 55.94
CA SER F 2 -25.02 -9.84 56.53
C SER F 2 -25.61 -8.46 56.84
N PHE F 3 -25.77 -8.17 58.13
CA PHE F 3 -26.25 -6.87 58.56
C PHE F 3 -25.09 -5.89 58.64
N LYS F 4 -24.51 -5.53 57.49
CA LYS F 4 -23.41 -4.58 57.45
C LYS F 4 -23.56 -3.74 56.19
N ASP F 5 -23.14 -2.48 56.28
CA ASP F 5 -23.33 -1.52 55.21
C ASP F 5 -22.00 -1.20 54.54
N MET F 6 -22.05 -1.08 53.21
CA MET F 6 -20.90 -0.67 52.41
C MET F 6 -21.37 0.10 51.19
N PRO F 7 -21.21 1.44 51.18
CA PRO F 7 -21.56 2.25 50.01
C PRO F 7 -20.81 1.77 48.78
N MLE F 8 -21.53 1.61 47.66
CN MLE F 8 -22.85 2.13 47.48
CA MLE F 8 -20.95 0.95 46.49
CB MLE F 8 -21.93 0.55 45.37
CG MLE F 8 -21.76 1.29 44.05
CD1 MLE F 8 -21.16 0.34 43.02
CD2 MLE F 8 -23.10 1.80 43.55
C MLE F 8 -19.67 1.67 45.90
O MLE F 8 -19.61 2.92 45.86
N DAL F 9 -18.70 0.87 45.47
CA DAL F 9 -17.41 1.39 45.04
CB DAL F 9 -17.17 1.08 43.57
C DAL F 9 -16.32 0.76 45.90
O DAL F 9 -15.14 0.84 45.58
N ARG F 10 -16.74 0.13 47.00
CA ARG F 10 -15.80 -0.50 47.93
C ARG F 10 -16.01 -2.01 47.98
#